data_7Y12
#
_entry.id   7Y12
#
_cell.length_a   1.00
_cell.length_b   1.00
_cell.length_c   1.00
_cell.angle_alpha   90.00
_cell.angle_beta   90.00
_cell.angle_gamma   90.00
#
_symmetry.space_group_name_H-M   'P 1'
#
loop_
_entity.id
_entity.type
_entity.pdbx_description
1 polymer 'Guanine nucleotide-binding protein G(i) subunit alpha-1'
2 polymer 'Guanine nucleotide-binding protein G(I)/G(S)/G(T) subunit beta-1'
3 polymer 'Guanine nucleotide-binding protein G(I)/G(S)/G(O) subunit gamma-2'
4 polymer 'Soluble cytochrome b562,Mas-related G-protein coupled receptor member D'
5 polymer scFV16
6 non-polymer BETA-ALANINE
7 non-polymer 'PALMITIC ACID'
#
loop_
_entity_poly.entity_id
_entity_poly.type
_entity_poly.pdbx_seq_one_letter_code
_entity_poly.pdbx_strand_id
1 'polypeptide(L)'
;MGCTLSAEDKAAVERSKMIDRNLREDGEKAAREVKLLLLGAGESGKSTIVKQMKIIHEAGYSEEECKQYKAVVYSNTIQS
IIAIIRAMGRLKIDFGDSARADDARQLFVLAGAAEEGFMTAELAGVIKRLWKDSGVQACFNRSREYQLNDSAAYYLNDLD
RIAQPNYIPTQQDVLRTRVKTTGIVETHFTFKDLHFKMFDVGAQRSERKKWIHCFEGVAAIIFCVALSDYDLVLAEDEEM
NRMHESMKLFDSICNNKWFTDTSIILFLNKKDLFEEKIKKSPLTICYQEYAGSNTYEEAAAYIQCQFEDLNKRKDTKEIY
THFTCSTDTKNVQFVFDAVTDVIIKNNLKDCGLF
;
A
2 'polypeptide(L)'
;MHHHHHHHHENLYFQGSSELDQLRQEAEQLKNQIRDARKACADATLSQITNNIDPVGRIQMRTRRTLRGHLAKIYAMHWG
TDSRLLVSASQDGKLIIWDSYTTNKVHAIPLRSSWVMTCAYAPSGNYVACGGLDNICSIYNLKTREGNVRVSRELAGHTG
YLSCCRFLDDNQIVTSSGDTTCALWDIETGQQTTTFTGHTGDVMSLSLAPDTRLFVSGACDASAKLWDVREGMCRQTFTG
HESDINAICFFPNGNAFATGSDDATCRLFDLRADQELMTYSHDNIICGITSVSFSKSGRLLLAGYDDFNCNVWDALKADR
AGVLAGHDNRVSCLGVTDDGMAVATGSWDSFLKIWN
;
B
3 'polypeptide(L)' MASNNTASIAQARKLVEQLKMEANIDRIKVSKAAADLMAYCEAHAKEDPLLTPVPASENPFREKKFFCAIL C
4 'polypeptide(L)'
;MKTIIALSYIFCLVFADYKDDDDKADLEDNWETLNDNLKVIEKADNAAQVKDALTKMRAAALDAQKATPPKLEDKSPDSP
EMKDFRHGFDILVGQIDDALKLANEGKVKEAQAAAEQLKTTRNAYIQKYLNSSGTVESALNYSRGSTVHTAYLVLSSLAM
FTCLCGMAGNSMVIWLLGFRMHRNPFCIYILNLAAADLLFLFSMASTLSLETQPLVNTTDKVHELMKRLMYFAYTVGLSL
LTAISTQRCLSVLFPIWFKCHRPRHLSAWVCGLLWTLCLLMNGLTSSFCSKFLKFNEDRCFRVDMVQAALIMGVLTPVMT
LSSLTLFVWVRRSSQQWRRQPTRLFVVVLASVLVFLICSLPLSIYWFVLYWLSLPPEMQVLCFSLSRLSSSVSSSANPVI
YFLVGSRRSHRLPTRSLGTVLQQALREEPELEGGETPTVGTNEMGA
;
R
5 'polypeptide(L)'
;LLVNQSHQGFNKEHTSKMVSAIVLYVLLAAAAHSAFADVQLVESGGGLVQPGGSRKLSCSASGFAFSSFGMHWVRQAPEK
GLEWVAYISSGSGTIYYADTVKGRFTISRDDPKNTLFLQMTSLRSEDTAMYYCVRSIYYYGSSPFDFWGQGTTLTVSSGG
GGSGGGGSGGGGSDIVMTQATSSVPVTPGESVSISCRSSKSLLHSNGNTYLYWFLQRPGQSPQLLIYRMSNLASGVPDRF
SGSGSGTAFTLTISRLEAEDVGVYYCMQHLEYPLTFGAGTKLELKAAAHHHHHHHH
;
S
#
# COMPACT_ATOMS: atom_id res chain seq x y z
N CYS A 3 -2.79 -8.94 -28.31
CA CYS A 3 -2.57 -8.67 -26.89
C CYS A 3 -1.66 -7.47 -26.71
N THR A 4 -0.92 -7.14 -27.77
CA THR A 4 -0.04 -5.96 -27.80
C THR A 4 0.98 -5.97 -26.67
N LEU A 5 1.39 -7.17 -26.24
CA LEU A 5 2.40 -7.33 -25.21
C LEU A 5 3.47 -8.28 -25.69
N SER A 6 4.73 -7.95 -25.43
CA SER A 6 5.82 -8.85 -25.73
C SER A 6 5.81 -10.04 -24.77
N ALA A 7 6.66 -11.03 -25.07
CA ALA A 7 6.76 -12.18 -24.20
C ALA A 7 7.31 -11.80 -22.83
N GLU A 8 8.35 -10.97 -22.82
CA GLU A 8 8.92 -10.53 -21.54
C GLU A 8 7.97 -9.60 -20.80
N ASP A 9 7.15 -8.83 -21.50
CA ASP A 9 6.12 -8.06 -20.83
C ASP A 9 5.13 -8.97 -20.12
N LYS A 10 4.73 -10.07 -20.76
CA LYS A 10 3.83 -11.02 -20.12
C LYS A 10 4.48 -11.66 -18.91
N ALA A 11 5.77 -12.00 -19.02
CA ALA A 11 6.46 -12.55 -17.85
C ALA A 11 6.58 -11.52 -16.72
N ALA A 12 6.74 -10.24 -17.09
CA ALA A 12 6.78 -9.17 -16.09
C ALA A 12 5.44 -9.06 -15.37
N VAL A 13 4.33 -9.10 -16.11
CA VAL A 13 3.02 -9.07 -15.46
C VAL A 13 2.81 -10.30 -14.61
N GLU A 14 3.32 -11.46 -15.02
CA GLU A 14 3.20 -12.65 -14.19
C GLU A 14 3.96 -12.49 -12.87
N ARG A 15 5.18 -11.93 -12.94
CA ARG A 15 5.93 -11.68 -11.71
C ARG A 15 5.23 -10.65 -10.82
N SER A 16 4.65 -9.62 -11.45
CA SER A 16 3.91 -8.62 -10.68
C SER A 16 2.69 -9.24 -10.00
N LYS A 17 2.01 -10.16 -10.68
CA LYS A 17 0.87 -10.84 -10.08
C LYS A 17 1.30 -11.74 -8.93
N MET A 18 2.45 -12.39 -9.06
CA MET A 18 2.99 -13.16 -7.94
C MET A 18 3.30 -12.26 -6.74
N ILE A 19 3.86 -11.08 -7.02
CA ILE A 19 4.10 -10.10 -5.97
C ILE A 19 2.79 -9.68 -5.32
N ASP A 20 1.75 -9.47 -6.13
CA ASP A 20 0.44 -9.10 -5.61
C ASP A 20 -0.12 -10.19 -4.70
N ARG A 21 0.03 -11.46 -5.11
CA ARG A 21 -0.45 -12.55 -4.27
C ARG A 21 0.28 -12.58 -2.93
N ASN A 22 1.59 -12.39 -2.95
CA ASN A 22 2.35 -12.37 -1.71
C ASN A 22 1.96 -11.18 -0.83
N LEU A 23 1.72 -10.02 -1.44
CA LEU A 23 1.29 -8.85 -0.67
C LEU A 23 -0.07 -9.10 -0.02
N ARG A 24 -1.00 -9.70 -0.76
CA ARG A 24 -2.30 -10.02 -0.19
C ARG A 24 -2.17 -10.99 0.97
N GLU A 25 -1.33 -12.02 0.82
CA GLU A 25 -1.13 -12.97 1.91
C GLU A 25 -0.53 -12.30 3.13
N ASP A 26 0.47 -11.43 2.93
CA ASP A 26 1.08 -10.73 4.04
C ASP A 26 0.09 -9.82 4.75
N GLY A 27 -0.73 -9.10 3.99
CA GLY A 27 -1.72 -8.23 4.60
C GLY A 27 -2.78 -8.99 5.36
N GLU A 28 -3.24 -10.12 4.81
CA GLU A 28 -4.23 -10.93 5.50
C GLU A 28 -3.66 -11.56 6.75
N LYS A 29 -2.36 -11.86 6.75
CA LYS A 29 -1.74 -12.37 7.97
C LYS A 29 -1.56 -11.26 9.00
N ALA A 30 -1.28 -10.04 8.56
CA ALA A 30 -1.13 -8.94 9.51
C ALA A 30 -2.47 -8.54 10.12
N ALA A 31 -3.55 -8.63 9.34
CA ALA A 31 -4.87 -8.23 9.83
C ALA A 31 -5.39 -9.12 10.96
N ARG A 32 -4.77 -10.27 11.19
CA ARG A 32 -5.14 -11.15 12.29
C ARG A 32 -4.22 -10.96 13.50
N GLU A 33 -3.61 -9.79 13.63
CA GLU A 33 -2.69 -9.50 14.71
C GLU A 33 -3.16 -8.27 15.47
N VAL A 34 -2.99 -8.31 16.79
CA VAL A 34 -3.38 -7.22 17.67
C VAL A 34 -2.13 -6.42 18.02
N LYS A 35 -2.17 -5.12 17.76
CA LYS A 35 -1.02 -4.24 17.96
C LYS A 35 -1.30 -3.32 19.14
N LEU A 36 -0.45 -3.40 20.16
CA LEU A 36 -0.58 -2.62 21.38
C LEU A 36 0.57 -1.63 21.50
N LEU A 37 0.27 -0.45 22.00
CA LEU A 37 1.27 0.60 22.20
C LEU A 37 1.59 0.68 23.68
N LEU A 38 2.73 0.11 24.07
CA LEU A 38 3.21 0.24 25.44
C LEU A 38 3.67 1.67 25.70
N LEU A 39 3.39 2.16 26.91
CA LEU A 39 3.61 3.56 27.21
C LEU A 39 3.85 3.72 28.70
N GLY A 40 4.40 4.86 29.07
CA GLY A 40 4.66 5.16 30.47
C GLY A 40 6.09 5.55 30.75
N ALA A 41 6.33 6.13 31.92
CA ALA A 41 7.68 6.56 32.28
C ALA A 41 8.57 5.36 32.54
N GLY A 42 9.88 5.58 32.37
CA GLY A 42 10.84 4.53 32.63
C GLY A 42 10.93 4.21 34.10
N GLU A 43 11.31 2.95 34.40
CA GLU A 43 11.42 2.45 35.76
C GLU A 43 10.11 2.61 36.52
N SER A 44 9.00 2.41 35.81
CA SER A 44 7.66 2.51 36.38
C SER A 44 6.93 1.18 36.26
N GLY A 45 7.64 0.08 36.50
CA GLY A 45 7.06 -1.24 36.39
C GLY A 45 6.89 -1.75 34.99
N LYS A 46 7.40 -1.03 33.98
CA LYS A 46 7.29 -1.50 32.60
C LYS A 46 8.01 -2.83 32.42
N SER A 47 9.15 -3.01 33.09
CA SER A 47 9.88 -4.28 33.00
C SER A 47 9.05 -5.43 33.55
N THR A 48 8.36 -5.21 34.67
CA THR A 48 7.57 -6.28 35.27
C THR A 48 6.45 -6.73 34.35
N ILE A 49 5.75 -5.77 33.71
CA ILE A 49 4.65 -6.14 32.83
C ILE A 49 5.15 -6.62 31.46
N VAL A 50 6.39 -6.33 31.09
CA VAL A 50 6.95 -6.87 29.87
C VAL A 50 7.69 -8.19 30.10
N LYS A 51 7.92 -8.57 31.36
CA LYS A 51 8.65 -9.79 31.67
C LYS A 51 7.76 -11.02 31.75
N GLN A 52 6.45 -10.89 31.52
CA GLN A 52 5.57 -12.05 31.61
C GLN A 52 5.85 -13.05 30.49
N MET A 53 6.04 -12.58 29.26
CA MET A 53 6.28 -13.43 28.11
C MET A 53 7.09 -12.66 27.08
N LYS A 54 8.10 -13.30 26.52
CA LYS A 54 8.94 -12.73 25.46
C LYS A 54 9.45 -11.33 25.80
N THR A 182 19.43 2.52 19.52
CA THR A 182 18.29 1.61 19.44
C THR A 182 16.99 2.38 19.64
N GLY A 183 15.93 1.92 18.96
CA GLY A 183 14.66 2.60 19.01
C GLY A 183 13.53 1.76 19.61
N ILE A 184 12.54 1.44 18.79
CA ILE A 184 11.39 0.68 19.28
C ILE A 184 11.81 -0.74 19.60
N VAL A 185 11.40 -1.21 20.77
CA VAL A 185 11.71 -2.56 21.23
C VAL A 185 10.38 -3.33 21.19
N GLU A 186 10.13 -3.99 20.07
CA GLU A 186 8.86 -4.67 19.86
C GLU A 186 8.91 -6.08 20.44
N THR A 187 7.82 -6.48 21.09
CA THR A 187 7.67 -7.80 21.67
C THR A 187 6.44 -8.48 21.08
N HIS A 188 6.52 -9.80 20.94
CA HIS A 188 5.45 -10.61 20.39
C HIS A 188 5.15 -11.74 21.36
N PHE A 189 3.88 -11.87 21.77
CA PHE A 189 3.48 -12.93 22.68
C PHE A 189 2.12 -13.47 22.26
N THR A 190 1.84 -14.70 22.68
CA THR A 190 0.62 -15.40 22.32
C THR A 190 -0.14 -15.81 23.58
N PHE A 191 -1.46 -15.82 23.47
CA PHE A 191 -2.32 -16.25 24.58
C PHE A 191 -3.68 -16.64 24.01
N LYS A 192 -4.07 -17.88 24.23
CA LYS A 192 -5.35 -18.42 23.75
C LYS A 192 -5.50 -18.24 22.24
N ASP A 193 -4.47 -18.68 21.51
CA ASP A 193 -4.47 -18.66 20.04
C ASP A 193 -4.70 -17.26 19.49
N LEU A 194 -4.14 -16.26 20.17
CA LEU A 194 -4.20 -14.88 19.73
C LEU A 194 -2.79 -14.28 19.78
N HIS A 195 -2.44 -13.52 18.75
CA HIS A 195 -1.10 -13.00 18.58
C HIS A 195 -1.09 -11.50 18.86
N PHE A 196 -0.16 -11.07 19.71
CA PHE A 196 -0.06 -9.67 20.11
C PHE A 196 1.27 -9.10 19.65
N LYS A 197 1.21 -7.93 19.03
CA LYS A 197 2.41 -7.19 18.61
C LYS A 197 2.47 -5.92 19.45
N MET A 198 3.17 -6.01 20.58
CA MET A 198 3.24 -4.91 21.54
C MET A 198 4.54 -4.14 21.32
N PHE A 199 4.43 -2.82 21.20
CA PHE A 199 5.55 -1.96 20.86
C PHE A 199 5.87 -1.03 22.01
N ASP A 200 7.15 -0.89 22.33
CA ASP A 200 7.63 0.02 23.35
C ASP A 200 8.36 1.17 22.66
N VAL A 201 7.89 2.39 22.88
CA VAL A 201 8.45 3.56 22.23
C VAL A 201 8.98 4.57 23.25
N GLY A 202 9.20 4.12 24.49
CA GLY A 202 9.62 5.04 25.54
C GLY A 202 10.96 5.68 25.29
N ALA A 203 11.89 4.97 24.63
CA ALA A 203 13.23 5.47 24.40
C ALA A 203 13.32 6.38 23.18
N GLN A 204 12.21 6.92 22.69
CA GLN A 204 12.26 7.84 21.57
C GLN A 204 12.87 9.18 21.98
N ARG A 205 12.41 9.72 23.12
CA ARG A 205 12.97 10.94 23.71
C ARG A 205 13.00 12.10 22.71
N SER A 206 11.91 12.25 21.96
CA SER A 206 11.78 13.30 20.97
C SER A 206 10.35 13.83 20.99
N GLU A 207 10.07 14.78 20.12
CA GLU A 207 8.73 15.36 20.02
C GLU A 207 7.72 14.29 19.62
N ARG A 208 6.82 13.96 20.55
CA ARG A 208 5.85 12.89 20.28
C ARG A 208 4.91 13.26 19.14
N LYS A 209 4.47 14.51 19.07
CA LYS A 209 3.43 14.89 18.10
C LYS A 209 3.84 14.61 16.66
N LYS A 210 5.13 14.51 16.37
CA LYS A 210 5.57 14.27 15.01
C LYS A 210 5.40 12.81 14.60
N TRP A 211 5.57 11.88 15.53
CA TRP A 211 5.53 10.46 15.20
C TRP A 211 4.42 9.69 15.90
N ILE A 212 3.50 10.37 16.59
CA ILE A 212 2.50 9.64 17.37
C ILE A 212 1.38 9.13 16.48
N HIS A 213 1.14 9.77 15.33
CA HIS A 213 0.11 9.29 14.43
C HIS A 213 0.49 7.98 13.76
N CYS A 214 1.76 7.57 13.83
CA CYS A 214 2.16 6.28 13.30
C CYS A 214 1.47 5.14 14.03
N PHE A 215 1.11 5.35 15.30
CA PHE A 215 0.47 4.32 16.10
C PHE A 215 -1.04 4.47 16.17
N GLU A 216 -1.60 5.43 15.44
CA GLU A 216 -3.04 5.52 15.32
C GLU A 216 -3.57 4.24 14.69
N GLY A 217 -4.59 3.65 15.30
CA GLY A 217 -5.11 2.38 14.86
C GLY A 217 -4.64 1.18 15.64
N VAL A 218 -3.96 1.38 16.77
CA VAL A 218 -3.60 0.26 17.62
C VAL A 218 -4.84 -0.26 18.34
N ALA A 219 -4.77 -1.53 18.74
CA ALA A 219 -5.88 -2.15 19.46
C ALA A 219 -6.13 -1.44 20.79
N ALA A 220 -5.08 -1.25 21.58
CA ALA A 220 -5.20 -0.60 22.86
C ALA A 220 -3.82 -0.09 23.29
N ILE A 221 -3.83 0.82 24.25
CA ILE A 221 -2.62 1.40 24.82
C ILE A 221 -2.44 0.81 26.21
N ILE A 222 -1.27 0.20 26.45
CA ILE A 222 -0.93 -0.34 27.75
C ILE A 222 -0.12 0.73 28.47
N PHE A 223 -0.80 1.55 29.27
CA PHE A 223 -0.18 2.65 29.99
C PHE A 223 0.18 2.17 31.39
N CYS A 224 1.46 2.26 31.74
CA CYS A 224 1.97 1.71 32.99
C CYS A 224 2.39 2.84 33.92
N VAL A 225 1.85 2.84 35.14
CA VAL A 225 2.16 3.84 36.15
C VAL A 225 2.49 3.14 37.45
N ALA A 226 3.60 3.54 38.07
CA ALA A 226 4.00 2.99 39.36
C ALA A 226 3.33 3.78 40.48
N LEU A 227 2.60 3.08 41.35
CA LEU A 227 1.91 3.75 42.45
C LEU A 227 2.92 4.36 43.43
N SER A 228 4.01 3.66 43.71
CA SER A 228 4.95 4.07 44.74
C SER A 228 5.69 5.34 44.41
N ASP A 229 5.64 5.81 43.16
CA ASP A 229 6.37 7.02 42.76
C ASP A 229 5.54 8.27 42.92
N TYR A 230 4.97 8.47 44.12
CA TYR A 230 4.24 9.69 44.42
C TYR A 230 5.08 10.72 45.16
N ASP A 231 6.20 10.31 45.75
CA ASP A 231 7.10 11.22 46.43
C ASP A 231 8.49 11.30 45.79
N LEU A 232 8.90 10.28 45.05
CA LEU A 232 10.21 10.27 44.42
C LEU A 232 10.22 11.16 43.18
N MET A 240 9.41 17.56 39.58
CA MET A 240 10.26 16.83 40.52
C MET A 240 9.50 15.64 41.10
N ASN A 241 8.17 15.68 41.01
CA ASN A 241 7.32 14.60 41.47
C ASN A 241 6.95 13.72 40.28
N ARG A 242 7.16 12.41 40.43
CA ARG A 242 6.94 11.50 39.31
C ARG A 242 5.45 11.33 39.00
N MET A 243 4.59 11.37 40.01
CA MET A 243 3.16 11.17 39.76
C MET A 243 2.58 12.32 38.96
N HIS A 244 3.02 13.56 39.22
CA HIS A 244 2.55 14.68 38.42
C HIS A 244 2.97 14.54 36.97
N GLU A 245 4.21 14.12 36.73
CA GLU A 245 4.67 13.90 35.36
C GLU A 245 3.88 12.80 34.67
N SER A 246 3.61 11.71 35.39
CA SER A 246 2.81 10.63 34.82
C SER A 246 1.39 11.08 34.50
N MET A 247 0.79 11.90 35.38
CA MET A 247 -0.54 12.43 35.12
C MET A 247 -0.53 13.35 33.91
N LYS A 248 0.50 14.18 33.77
CA LYS A 248 0.59 15.05 32.61
C LYS A 248 0.72 14.23 31.33
N LEU A 249 1.53 13.17 31.36
CA LEU A 249 1.67 12.30 30.20
C LEU A 249 0.34 11.62 29.87
N PHE A 250 -0.37 11.14 30.87
CA PHE A 250 -1.65 10.47 30.65
C PHE A 250 -2.67 11.44 30.06
N ASP A 251 -2.71 12.67 30.58
CA ASP A 251 -3.62 13.67 30.03
C ASP A 251 -3.27 13.99 28.58
N SER A 252 -1.97 14.08 28.27
CA SER A 252 -1.57 14.39 26.91
C SER A 252 -1.92 13.28 25.94
N ILE A 253 -1.70 12.03 26.34
CA ILE A 253 -1.82 10.91 25.42
C ILE A 253 -3.27 10.44 25.31
N CYS A 254 -3.94 10.28 26.45
CA CYS A 254 -5.30 9.76 26.44
C CYS A 254 -6.25 10.69 25.69
N ASN A 255 -5.95 11.98 25.67
CA ASN A 255 -6.78 12.97 24.99
C ASN A 255 -6.26 13.33 23.61
N ASN A 256 -5.30 12.56 23.08
CA ASN A 256 -4.74 12.86 21.77
C ASN A 256 -5.81 12.73 20.69
N LYS A 257 -5.71 13.59 19.67
CA LYS A 257 -6.70 13.57 18.58
C LYS A 257 -6.59 12.30 17.75
N TRP A 258 -5.45 11.62 17.80
CA TRP A 258 -5.33 10.35 17.09
C TRP A 258 -6.03 9.23 17.85
N PHE A 259 -6.04 9.30 19.18
CA PHE A 259 -6.49 8.20 20.02
C PHE A 259 -7.84 8.47 20.68
N THR A 260 -8.72 9.23 20.02
CA THR A 260 -10.00 9.57 20.63
C THR A 260 -10.94 8.37 20.79
N ASP A 261 -10.63 7.22 20.18
CA ASP A 261 -11.55 6.10 20.25
C ASP A 261 -10.83 4.77 20.55
N THR A 262 -9.62 4.80 21.07
CA THR A 262 -8.91 3.59 21.44
C THR A 262 -8.95 3.41 22.95
N SER A 263 -9.17 2.17 23.38
CA SER A 263 -9.21 1.88 24.80
C SER A 263 -7.81 1.99 25.39
N ILE A 264 -7.75 2.24 26.70
CA ILE A 264 -6.49 2.37 27.41
C ILE A 264 -6.50 1.39 28.56
N ILE A 265 -5.48 0.53 28.60
CA ILE A 265 -5.32 -0.43 29.70
C ILE A 265 -4.33 0.20 30.67
N LEU A 266 -4.86 0.87 31.69
CA LEU A 266 -4.04 1.57 32.67
C LEU A 266 -3.56 0.56 33.70
N PHE A 267 -2.30 0.15 33.59
CA PHE A 267 -1.71 -0.77 34.53
C PHE A 267 -1.13 0.02 35.70
N LEU A 268 -1.55 -0.33 36.91
CA LEU A 268 -1.07 0.32 38.13
C LEU A 268 -0.30 -0.73 38.92
N ASN A 269 1.01 -0.75 38.74
CA ASN A 269 1.87 -1.77 39.33
C ASN A 269 2.64 -1.18 40.51
N LYS A 270 3.48 -2.02 41.12
CA LYS A 270 4.19 -1.68 42.35
C LYS A 270 3.22 -1.29 43.45
N LYS A 271 2.36 -2.25 43.82
CA LYS A 271 1.41 -2.03 44.91
C LYS A 271 1.95 -2.48 46.26
N ASP A 272 2.92 -3.39 46.28
CA ASP A 272 3.57 -3.75 47.54
C ASP A 272 4.45 -2.61 48.04
N LEU A 273 5.15 -1.94 47.12
CA LEU A 273 5.89 -0.75 47.50
C LEU A 273 4.95 0.34 47.99
N PHE A 274 3.78 0.47 47.38
CA PHE A 274 2.76 1.39 47.88
C PHE A 274 2.31 1.00 49.28
N GLU A 275 2.11 -0.30 49.53
CA GLU A 275 1.80 -0.77 50.87
C GLU A 275 2.84 -0.31 51.88
N GLU A 276 4.11 -0.57 51.58
CA GLU A 276 5.18 -0.22 52.52
C GLU A 276 5.25 1.29 52.72
N LYS A 277 5.13 2.07 51.65
CA LYS A 277 5.23 3.52 51.77
C LYS A 277 4.06 4.08 52.58
N ILE A 278 2.85 3.57 52.37
CA ILE A 278 1.71 4.05 53.12
C ILE A 278 1.83 3.66 54.59
N LYS A 279 2.37 2.47 54.88
CA LYS A 279 2.65 2.10 56.25
C LYS A 279 3.66 3.08 56.87
N LYS A 280 4.69 3.46 56.10
CA LYS A 280 5.66 4.42 56.60
C LYS A 280 5.09 5.84 56.60
N SER A 281 4.37 6.23 55.55
CA SER A 281 3.88 7.60 55.45
C SER A 281 2.63 7.71 54.58
N PRO A 282 1.65 8.51 54.99
CA PRO A 282 0.42 8.63 54.20
C PRO A 282 0.64 9.40 52.91
N LEU A 283 -0.35 9.30 52.02
CA LEU A 283 -0.28 9.98 50.73
C LEU A 283 -0.18 11.49 50.87
N THR A 284 -0.67 12.03 51.98
CA THR A 284 -0.58 13.47 52.25
C THR A 284 0.85 13.92 52.56
N ILE A 285 1.83 13.03 52.38
CA ILE A 285 3.22 13.40 52.61
C ILE A 285 3.63 14.56 51.70
N CYS A 286 3.13 14.58 50.47
CA CYS A 286 3.39 15.65 49.52
C CYS A 286 2.15 16.25 48.90
N TYR A 287 1.01 15.56 48.97
CA TYR A 287 -0.21 16.06 48.34
C TYR A 287 -1.17 16.55 49.39
N GLN A 288 -1.43 17.86 49.48
CA GLN A 288 -2.39 18.37 50.45
C GLN A 288 -3.84 18.32 49.98
N GLU A 289 -4.09 17.99 48.72
CA GLU A 289 -5.45 17.93 48.21
C GLU A 289 -6.22 16.73 48.73
N TYR A 290 -5.52 15.68 49.17
CA TYR A 290 -6.18 14.50 49.71
C TYR A 290 -6.73 14.79 51.10
N ALA A 291 -7.91 14.24 51.39
CA ALA A 291 -8.52 14.41 52.71
C ALA A 291 -9.07 13.10 53.27
N GLY A 292 -8.77 11.95 52.65
CA GLY A 292 -9.30 10.67 53.08
C GLY A 292 -8.38 9.94 54.04
N SER A 293 -8.68 8.66 54.21
CA SER A 293 -7.92 7.82 55.13
C SER A 293 -6.54 7.51 54.58
N ASN A 294 -5.62 7.22 55.49
CA ASN A 294 -4.26 6.82 55.13
C ASN A 294 -4.12 5.31 55.05
N THR A 295 -5.01 4.66 54.30
CA THR A 295 -4.99 3.22 54.10
C THR A 295 -4.70 2.93 52.64
N TYR A 296 -4.19 1.72 52.37
CA TYR A 296 -3.81 1.36 51.01
C TYR A 296 -5.02 1.35 50.08
N GLU A 297 -6.12 0.76 50.53
CA GLU A 297 -7.28 0.59 49.65
C GLU A 297 -7.85 1.93 49.23
N GLU A 298 -8.12 2.81 50.19
CA GLU A 298 -8.73 4.10 49.88
C GLU A 298 -7.78 4.99 49.08
N ALA A 299 -6.50 4.98 49.42
CA ALA A 299 -5.54 5.79 48.67
C ALA A 299 -5.39 5.31 47.24
N ALA A 300 -5.32 3.99 47.04
CA ALA A 300 -5.24 3.43 45.69
C ALA A 300 -6.50 3.76 44.89
N ALA A 301 -7.66 3.66 45.53
CA ALA A 301 -8.90 4.03 44.85
C ALA A 301 -8.91 5.51 44.48
N TYR A 302 -8.40 6.37 45.36
CA TYR A 302 -8.35 7.80 45.07
C TYR A 302 -7.43 8.08 43.88
N ILE A 303 -6.26 7.43 43.85
CA ILE A 303 -5.35 7.63 42.73
C ILE A 303 -5.98 7.14 41.43
N GLN A 304 -6.65 5.98 41.48
CA GLN A 304 -7.32 5.46 40.30
C GLN A 304 -8.40 6.42 39.81
N CYS A 305 -9.18 6.99 40.73
CA CYS A 305 -10.20 7.95 40.35
C CYS A 305 -9.59 9.20 39.74
N GLN A 306 -8.50 9.68 40.32
CA GLN A 306 -7.84 10.87 39.80
C GLN A 306 -7.30 10.65 38.39
N PHE A 307 -6.72 9.47 38.15
CA PHE A 307 -6.25 9.15 36.80
C PHE A 307 -7.41 9.01 35.83
N GLU A 308 -8.45 8.27 36.22
CA GLU A 308 -9.58 8.03 35.32
C GLU A 308 -10.42 9.28 35.09
N ASP A 309 -10.20 10.33 35.88
CA ASP A 309 -10.88 11.59 35.68
C ASP A 309 -10.09 12.56 34.80
N LEU A 310 -8.90 12.15 34.34
CA LEU A 310 -8.08 13.04 33.53
C LEU A 310 -8.64 13.21 32.13
N ASN A 311 -9.26 12.17 31.58
CA ASN A 311 -9.79 12.25 30.23
C ASN A 311 -11.06 13.08 30.20
N LYS A 312 -11.12 14.01 29.25
CA LYS A 312 -12.33 14.81 29.09
C LYS A 312 -13.50 13.94 28.62
N ARG A 313 -13.23 13.00 27.71
CA ARG A 313 -14.27 12.24 27.03
C ARG A 313 -14.30 10.82 27.54
N LYS A 314 -15.31 10.50 28.35
CA LYS A 314 -15.59 9.13 28.77
C LYS A 314 -16.63 8.46 27.89
N ASP A 315 -17.21 9.20 26.95
CA ASP A 315 -18.29 8.73 26.09
C ASP A 315 -17.81 8.19 24.76
N THR A 316 -16.50 7.99 24.60
CA THR A 316 -15.94 7.51 23.36
C THR A 316 -14.89 6.41 23.52
N LYS A 317 -14.24 6.29 24.68
CA LYS A 317 -13.27 5.23 24.90
C LYS A 317 -13.42 4.71 26.32
N GLU A 318 -13.00 3.47 26.53
CA GLU A 318 -13.07 2.82 27.83
C GLU A 318 -11.66 2.72 28.41
N ILE A 319 -11.51 3.19 29.65
CA ILE A 319 -10.24 3.10 30.36
C ILE A 319 -10.30 1.90 31.29
N TYR A 320 -9.43 0.93 31.07
CA TYR A 320 -9.34 -0.25 31.91
C TYR A 320 -8.22 -0.07 32.91
N THR A 321 -8.48 -0.40 34.17
CA THR A 321 -7.51 -0.23 35.24
C THR A 321 -7.29 -1.55 35.95
N HIS A 322 -6.03 -1.83 36.29
CA HIS A 322 -5.65 -3.05 36.98
C HIS A 322 -4.59 -2.74 38.02
N PHE A 323 -4.54 -3.56 39.06
CA PHE A 323 -3.53 -3.46 40.11
C PHE A 323 -2.65 -4.70 40.05
N THR A 324 -1.34 -4.50 39.93
CA THR A 324 -0.40 -5.59 39.80
C THR A 324 0.82 -5.30 40.65
N CYS A 325 1.68 -6.31 40.80
CA CYS A 325 2.91 -6.18 41.55
C CYS A 325 4.00 -6.97 40.82
N SER A 326 5.11 -7.22 41.51
CA SER A 326 6.24 -7.91 40.89
C SER A 326 5.86 -9.33 40.47
N THR A 327 5.12 -10.04 41.31
CA THR A 327 4.80 -11.45 41.09
C THR A 327 3.29 -11.59 40.92
N ASP A 328 2.82 -11.45 39.68
CA ASP A 328 1.43 -11.75 39.33
C ASP A 328 1.41 -12.75 38.18
N THR A 329 0.27 -13.43 38.06
CA THR A 329 0.06 -14.39 36.99
C THR A 329 -1.12 -14.04 36.09
N LYS A 330 -2.17 -13.41 36.63
CA LYS A 330 -3.38 -13.10 35.88
C LYS A 330 -3.30 -11.77 35.15
N ASN A 331 -2.14 -11.12 35.12
CA ASN A 331 -2.01 -9.85 34.41
C ASN A 331 -2.18 -10.02 32.91
N VAL A 332 -1.75 -11.17 32.36
CA VAL A 332 -1.87 -11.38 30.93
C VAL A 332 -3.32 -11.56 30.51
N GLN A 333 -4.19 -11.95 31.46
CA GLN A 333 -5.60 -12.17 31.12
C GLN A 333 -6.37 -10.86 31.00
N PHE A 334 -5.98 -9.85 31.79
CA PHE A 334 -6.71 -8.58 31.78
C PHE A 334 -6.62 -7.91 30.42
N VAL A 335 -5.44 -7.93 29.81
CA VAL A 335 -5.30 -7.38 28.46
C VAL A 335 -6.11 -8.22 27.47
N PHE A 336 -6.27 -9.51 27.72
CA PHE A 336 -7.07 -10.34 26.83
C PHE A 336 -8.54 -9.93 26.87
N ASP A 337 -9.10 -9.71 28.06
CA ASP A 337 -10.46 -9.22 28.12
C ASP A 337 -10.60 -7.84 27.50
N ALA A 338 -9.63 -6.95 27.72
CA ALA A 338 -9.71 -5.64 27.11
C ALA A 338 -9.69 -5.72 25.58
N VAL A 339 -8.80 -6.54 25.02
CA VAL A 339 -8.72 -6.64 23.57
C VAL A 339 -9.94 -7.35 23.01
N THR A 340 -10.51 -8.31 23.74
CA THR A 340 -11.75 -8.93 23.29
C THR A 340 -12.88 -7.90 23.22
N ASP A 341 -12.98 -7.04 24.24
CA ASP A 341 -14.02 -6.01 24.21
C ASP A 341 -13.83 -5.05 23.04
N VAL A 342 -12.58 -4.62 22.80
CA VAL A 342 -12.39 -3.68 21.69
C VAL A 342 -12.56 -4.38 20.34
N ILE A 343 -12.27 -5.68 20.25
CA ILE A 343 -12.54 -6.44 19.04
C ILE A 343 -14.03 -6.49 18.76
N ILE A 344 -14.84 -6.74 19.79
CA ILE A 344 -16.29 -6.76 19.62
C ILE A 344 -16.77 -5.39 19.18
N LYS A 345 -16.26 -4.32 19.80
CA LYS A 345 -16.66 -2.98 19.40
C LYS A 345 -16.26 -2.69 17.95
N ASN A 346 -15.10 -3.16 17.52
CA ASN A 346 -14.66 -2.96 16.15
C ASN A 346 -15.59 -3.69 15.17
N ASN A 347 -15.99 -4.91 15.51
CA ASN A 347 -16.92 -5.64 14.64
C ASN A 347 -18.25 -4.90 14.54
N LEU A 348 -18.76 -4.41 15.68
CA LEU A 348 -20.01 -3.65 15.66
C LEU A 348 -19.89 -2.38 14.83
N LYS A 349 -18.75 -1.69 14.92
CA LYS A 349 -18.53 -0.51 14.09
C LYS A 349 -18.42 -0.88 12.62
N ASP A 350 -17.88 -2.07 12.33
CA ASP A 350 -17.75 -2.52 10.94
C ASP A 350 -19.11 -2.75 10.32
N CYS A 351 -19.98 -3.52 11.00
CA CYS A 351 -21.31 -3.76 10.44
C CYS A 351 -22.18 -2.52 10.49
N GLY A 352 -21.83 -1.53 11.31
CA GLY A 352 -22.53 -0.27 11.33
C GLY A 352 -23.55 -0.10 12.43
N LEU A 353 -23.73 -1.11 13.28
CA LEU A 353 -24.62 -0.93 14.43
C LEU A 353 -24.11 0.16 15.35
N PHE A 354 -22.81 0.18 15.60
CA PHE A 354 -22.20 1.14 16.50
C PHE A 354 -22.02 2.50 15.82
N GLU B 19 30.73 37.55 30.02
CA GLU B 19 29.79 36.91 30.95
C GLU B 19 28.58 36.36 30.19
N LEU B 20 27.76 35.56 30.88
CA LEU B 20 26.59 34.97 30.24
C LEU B 20 25.61 36.05 29.79
N ASP B 21 25.39 37.07 30.63
CA ASP B 21 24.57 38.20 30.20
C ASP B 21 25.22 38.92 29.03
N GLN B 22 26.55 39.07 29.06
CA GLN B 22 27.26 39.67 27.94
C GLN B 22 27.11 38.84 26.67
N LEU B 23 27.21 37.51 26.81
CA LEU B 23 27.05 36.64 25.65
C LEU B 23 25.65 36.73 25.07
N ARG B 24 24.64 36.74 25.93
CA ARG B 24 23.26 36.86 25.46
C ARG B 24 23.03 38.20 24.78
N GLN B 25 23.58 39.28 25.35
CA GLN B 25 23.44 40.59 24.73
C GLN B 25 24.14 40.63 23.38
N GLU B 26 25.31 40.01 23.27
CA GLU B 26 26.01 39.94 22.00
C GLU B 26 25.20 39.17 20.98
N ALA B 27 24.58 38.06 21.39
CA ALA B 27 23.74 37.29 20.47
C ALA B 27 22.54 38.10 20.00
N GLU B 28 21.89 38.82 20.92
CA GLU B 28 20.75 39.64 20.53
C GLU B 28 21.16 40.78 19.61
N GLN B 29 22.30 41.40 19.88
CA GLN B 29 22.79 42.46 18.99
C GLN B 29 23.14 41.91 17.62
N LEU B 30 23.74 40.72 17.58
CA LEU B 30 24.06 40.08 16.30
C LEU B 30 22.78 39.79 15.53
N LYS B 31 21.75 39.29 16.21
CA LYS B 31 20.48 39.01 15.55
C LYS B 31 19.85 40.28 15.01
N ASN B 32 19.89 41.37 15.79
CA ASN B 32 19.34 42.63 15.32
C ASN B 32 20.12 43.16 14.12
N GLN B 33 21.45 43.05 14.16
CA GLN B 33 22.26 43.49 13.02
C GLN B 33 21.98 42.64 11.79
N ILE B 34 21.80 41.34 11.97
CA ILE B 34 21.51 40.46 10.84
C ILE B 34 20.15 40.78 10.26
N ARG B 35 19.18 41.13 11.12
CA ARG B 35 17.86 41.53 10.61
C ARG B 35 17.95 42.84 9.86
N ASP B 36 18.72 43.80 10.37
CA ASP B 36 18.88 45.07 9.68
C ASP B 36 19.54 44.89 8.31
N ALA B 37 20.59 44.06 8.25
CA ALA B 37 21.22 43.78 6.96
C ALA B 37 20.28 43.06 6.02
N ARG B 38 19.48 42.12 6.56
CA ARG B 38 18.54 41.37 5.73
C ARG B 38 17.46 42.27 5.15
N LYS B 39 16.93 43.20 5.96
CA LYS B 39 15.89 44.10 5.48
C LYS B 39 16.43 45.28 4.68
N ALA B 40 17.74 45.54 4.75
CA ALA B 40 18.31 46.58 3.88
C ALA B 40 18.34 46.12 2.43
N CYS B 41 18.74 44.87 2.18
CA CYS B 41 18.81 44.34 0.84
C CYS B 41 17.44 44.02 0.26
N ALA B 42 16.39 44.08 1.06
CA ALA B 42 15.03 43.77 0.59
C ALA B 42 14.47 44.99 -0.13
N ASP B 43 14.95 45.19 -1.36
CA ASP B 43 14.46 46.29 -2.18
C ASP B 43 12.99 46.09 -2.52
N ALA B 44 12.63 44.91 -2.99
CA ALA B 44 11.26 44.62 -3.38
C ALA B 44 10.99 43.14 -3.20
N THR B 45 9.71 42.81 -3.09
CA THR B 45 9.30 41.41 -3.01
C THR B 45 9.03 40.86 -4.42
N LEU B 46 8.90 39.54 -4.48
CA LEU B 46 8.71 38.88 -5.76
C LEU B 46 7.38 39.26 -6.41
N SER B 47 6.33 39.44 -5.61
CA SER B 47 5.01 39.77 -6.15
C SER B 47 5.04 41.12 -6.85
N GLN B 48 5.71 42.12 -6.26
CA GLN B 48 5.75 43.44 -6.88
C GLN B 48 6.48 43.40 -8.20
N ILE B 49 7.57 42.63 -8.29
CA ILE B 49 8.29 42.50 -9.55
C ILE B 49 7.45 41.73 -10.56
N THR B 50 6.85 40.62 -10.13
CA THR B 50 6.05 39.76 -11.01
C THR B 50 4.69 40.41 -11.21
N ASN B 51 4.66 41.42 -12.09
CA ASN B 51 3.44 42.14 -12.42
C ASN B 51 3.42 42.41 -13.91
N ASN B 52 2.22 42.67 -14.42
CA ASN B 52 2.00 42.86 -15.86
C ASN B 52 2.53 41.67 -16.65
N ILE B 53 2.29 40.47 -16.13
CA ILE B 53 2.77 39.23 -16.72
C ILE B 53 1.62 38.23 -16.74
N ASP B 54 1.49 37.50 -17.84
CA ASP B 54 0.40 36.55 -17.98
C ASP B 54 0.54 35.44 -16.93
N PRO B 55 -0.52 35.12 -16.19
CA PRO B 55 -0.43 34.06 -15.20
C PRO B 55 -0.37 32.68 -15.85
N VAL B 56 -0.05 31.68 -15.03
CA VAL B 56 0.03 30.31 -15.50
C VAL B 56 -1.32 29.84 -16.01
N GLY B 57 -2.40 30.23 -15.34
CA GLY B 57 -3.73 29.80 -15.71
C GLY B 57 -4.23 28.67 -14.84
N ARG B 58 -5.55 28.48 -14.87
CA ARG B 58 -6.22 27.45 -14.07
C ARG B 58 -5.99 26.11 -14.73
N ILE B 59 -4.77 25.58 -14.55
CA ILE B 59 -4.38 24.31 -15.14
C ILE B 59 -4.80 23.18 -14.21
N GLN B 60 -5.46 22.17 -14.77
CA GLN B 60 -5.90 21.02 -14.02
C GLN B 60 -5.44 19.75 -14.72
N MET B 61 -5.00 18.77 -13.93
CA MET B 61 -4.46 17.52 -14.43
C MET B 61 -5.33 16.36 -14.00
N ARG B 62 -5.30 15.29 -14.79
CA ARG B 62 -6.09 14.10 -14.52
C ARG B 62 -5.16 12.95 -14.16
N THR B 63 -5.58 12.13 -13.19
CA THR B 63 -4.77 10.99 -12.80
C THR B 63 -4.67 9.98 -13.93
N ARG B 64 -3.45 9.51 -14.18
CA ARG B 64 -3.16 8.58 -15.27
C ARG B 64 -3.08 7.14 -14.79
N ARG B 65 -2.42 6.89 -13.67
CA ARG B 65 -2.31 5.57 -13.10
C ARG B 65 -2.83 5.59 -11.67
N THR B 66 -2.86 4.41 -11.06
CA THR B 66 -3.24 4.27 -9.66
C THR B 66 -2.56 3.00 -9.14
N LEU B 67 -1.53 3.18 -8.32
CA LEU B 67 -0.76 2.07 -7.81
C LEU B 67 -1.44 1.53 -6.56
N ARG B 68 -1.82 0.26 -6.57
CA ARG B 68 -2.77 -0.31 -5.62
C ARG B 68 -2.20 -1.56 -4.94
N GLY B 69 -1.00 -1.44 -4.38
CA GLY B 69 -0.40 -2.60 -3.74
C GLY B 69 -0.30 -2.53 -2.24
N HIS B 70 -0.17 -1.32 -1.69
CA HIS B 70 0.08 -1.16 -0.27
C HIS B 70 -1.19 -1.41 0.54
N LEU B 71 -1.00 -1.87 1.78
CA LEU B 71 -2.10 -2.22 2.67
C LEU B 71 -2.00 -1.48 4.00
N ALA B 72 -1.34 -0.33 4.00
CA ALA B 72 -1.24 0.53 5.18
C ALA B 72 -0.92 1.93 4.70
N LYS B 73 -0.72 2.84 5.65
CA LYS B 73 -0.47 4.23 5.30
C LYS B 73 0.86 4.36 4.58
N ILE B 74 0.87 5.06 3.45
CA ILE B 74 2.09 5.34 2.70
C ILE B 74 2.70 6.62 3.24
N TYR B 75 3.97 6.57 3.60
CA TYR B 75 4.61 7.71 4.25
C TYR B 75 5.69 8.38 3.40
N ALA B 76 6.24 7.69 2.41
CA ALA B 76 7.27 8.31 1.59
C ALA B 76 7.29 7.66 0.21
N MET B 77 7.70 8.45 -0.78
CA MET B 77 7.94 7.97 -2.14
C MET B 77 9.09 8.75 -2.74
N HIS B 78 9.82 8.11 -3.64
CA HIS B 78 10.90 8.78 -4.35
C HIS B 78 10.96 8.27 -5.79
N TRP B 79 11.15 9.20 -6.72
CA TRP B 79 11.26 8.87 -8.12
C TRP B 79 12.67 8.40 -8.46
N GLY B 80 12.79 7.64 -9.54
CA GLY B 80 14.08 7.36 -10.13
C GLY B 80 14.51 8.46 -11.07
N THR B 81 15.78 8.43 -11.45
CA THR B 81 16.29 9.40 -12.41
C THR B 81 15.81 9.12 -13.83
N ASP B 82 15.42 7.89 -14.12
CA ASP B 82 14.89 7.54 -15.43
C ASP B 82 13.42 7.89 -15.60
N SER B 83 12.78 8.41 -14.55
CA SER B 83 11.38 8.82 -14.57
C SER B 83 10.44 7.65 -14.83
N ARG B 84 10.91 6.42 -14.63
CA ARG B 84 10.09 5.24 -14.81
C ARG B 84 9.93 4.45 -13.52
N LEU B 85 11.04 4.11 -12.86
CA LEU B 85 10.96 3.40 -11.60
C LEU B 85 10.47 4.32 -10.50
N LEU B 86 9.89 3.72 -9.47
CA LEU B 86 9.31 4.45 -8.35
C LEU B 86 9.42 3.58 -7.11
N VAL B 87 9.80 4.19 -5.99
CA VAL B 87 9.90 3.48 -4.72
C VAL B 87 8.92 4.12 -3.75
N SER B 88 8.20 3.29 -2.99
CA SER B 88 7.27 3.77 -2.00
C SER B 88 7.43 2.96 -0.73
N ALA B 89 7.22 3.62 0.41
CA ALA B 89 7.33 3.00 1.72
C ALA B 89 5.99 3.07 2.42
N SER B 90 5.70 2.06 3.24
CA SER B 90 4.42 2.01 3.93
C SER B 90 4.59 1.28 5.26
N GLN B 91 3.60 1.47 6.13
CA GLN B 91 3.65 0.98 7.50
C GLN B 91 3.37 -0.51 7.64
N ASP B 92 3.04 -1.21 6.55
CA ASP B 92 2.94 -2.66 6.59
C ASP B 92 4.29 -3.35 6.45
N GLY B 93 5.38 -2.62 6.62
CA GLY B 93 6.71 -3.18 6.48
C GLY B 93 7.05 -3.60 5.06
N LYS B 94 6.66 -2.80 4.08
CA LYS B 94 6.87 -3.13 2.67
C LYS B 94 7.46 -1.93 1.95
N LEU B 95 8.51 -2.18 1.16
CA LEU B 95 9.08 -1.20 0.26
C LEU B 95 8.90 -1.75 -1.15
N ILE B 96 8.03 -1.12 -1.93
CA ILE B 96 7.65 -1.61 -3.24
C ILE B 96 8.27 -0.71 -4.31
N ILE B 97 8.86 -1.32 -5.31
CA ILE B 97 9.40 -0.60 -6.47
C ILE B 97 8.42 -0.77 -7.62
N TRP B 98 7.99 0.34 -8.20
CA TRP B 98 6.93 0.35 -9.20
C TRP B 98 7.48 0.72 -10.57
N ASP B 99 6.81 0.21 -11.61
CA ASP B 99 7.00 0.66 -12.97
C ASP B 99 5.78 1.51 -13.32
N SER B 100 5.94 2.83 -13.26
CA SER B 100 4.79 3.72 -13.36
C SER B 100 4.13 3.65 -14.73
N TYR B 101 4.88 3.28 -15.77
CA TYR B 101 4.29 3.19 -17.11
C TYR B 101 3.23 2.09 -17.18
N THR B 102 3.51 0.93 -16.60
CA THR B 102 2.63 -0.22 -16.70
C THR B 102 2.05 -0.64 -15.36
N THR B 103 2.32 0.09 -14.28
CA THR B 103 1.91 -0.24 -12.92
C THR B 103 2.42 -1.61 -12.49
N ASN B 104 3.47 -2.11 -13.13
CA ASN B 104 4.07 -3.38 -12.74
C ASN B 104 4.87 -3.21 -11.46
N LYS B 105 4.87 -4.25 -10.64
CA LYS B 105 5.64 -4.25 -9.39
C LYS B 105 6.98 -4.91 -9.68
N VAL B 106 8.04 -4.09 -9.81
CA VAL B 106 9.35 -4.63 -10.09
C VAL B 106 9.91 -5.36 -8.88
N HIS B 107 9.79 -4.75 -7.71
CA HIS B 107 10.32 -5.32 -6.47
C HIS B 107 9.37 -5.02 -5.32
N ALA B 108 9.36 -5.91 -4.34
CA ALA B 108 8.64 -5.70 -3.08
C ALA B 108 9.56 -6.14 -1.96
N ILE B 109 10.08 -5.18 -1.21
CA ILE B 109 11.15 -5.42 -0.24
C ILE B 109 10.55 -5.44 1.15
N PRO B 110 10.56 -6.57 1.85
CA PRO B 110 10.15 -6.57 3.26
C PRO B 110 11.16 -5.83 4.12
N LEU B 111 10.65 -5.22 5.18
CA LEU B 111 11.47 -4.47 6.13
C LEU B 111 11.42 -5.11 7.51
N ARG B 112 12.56 -5.12 8.19
CA ARG B 112 12.59 -5.64 9.56
C ARG B 112 11.75 -4.77 10.50
N SER B 113 11.77 -3.47 10.30
CA SER B 113 10.97 -2.52 11.07
C SER B 113 9.90 -1.95 10.15
N SER B 114 8.64 -2.09 10.55
CA SER B 114 7.54 -1.57 9.75
C SER B 114 7.28 -0.08 10.00
N TRP B 115 7.98 0.53 10.96
CA TRP B 115 7.79 1.94 11.28
C TRP B 115 8.83 2.73 10.52
N VAL B 116 8.50 3.09 9.28
CA VAL B 116 9.40 3.82 8.40
C VAL B 116 8.72 5.11 7.96
N MET B 117 9.49 6.19 7.90
CA MET B 117 8.96 7.49 7.54
C MET B 117 9.58 8.09 6.30
N THR B 118 10.64 7.50 5.76
CA THR B 118 11.29 8.03 4.57
C THR B 118 11.85 6.90 3.74
N CYS B 119 11.93 7.14 2.42
CA CYS B 119 12.55 6.22 1.49
C CYS B 119 13.34 7.02 0.46
N ALA B 120 14.45 6.45 0.01
CA ALA B 120 15.32 7.12 -0.94
C ALA B 120 15.65 6.18 -2.10
N TYR B 121 15.87 6.78 -3.27
CA TYR B 121 16.20 6.04 -4.48
C TYR B 121 17.48 6.61 -5.06
N ALA B 122 18.49 5.76 -5.21
CA ALA B 122 19.79 6.22 -5.66
C ALA B 122 19.71 6.72 -7.10
N PRO B 123 20.42 7.80 -7.43
CA PRO B 123 20.43 8.27 -8.82
C PRO B 123 20.99 7.25 -9.79
N SER B 124 21.84 6.34 -9.31
CA SER B 124 22.33 5.26 -10.15
C SER B 124 21.34 4.10 -10.26
N GLY B 125 20.35 4.04 -9.38
CA GLY B 125 19.32 3.02 -9.45
C GLY B 125 19.71 1.67 -8.88
N ASN B 126 20.92 1.53 -8.34
CA ASN B 126 21.34 0.25 -7.79
C ASN B 126 20.90 0.03 -6.35
N TYR B 127 20.44 1.07 -5.66
CA TYR B 127 20.15 0.98 -4.24
C TYR B 127 18.90 1.78 -3.89
N VAL B 128 18.26 1.37 -2.80
CA VAL B 128 17.22 2.15 -2.15
C VAL B 128 17.59 2.27 -0.68
N ALA B 129 17.09 3.32 -0.04
CA ALA B 129 17.33 3.56 1.37
C ALA B 129 16.01 3.88 2.06
N CYS B 130 15.79 3.26 3.22
CA CYS B 130 14.60 3.52 4.02
C CYS B 130 14.97 3.54 5.49
N GLY B 131 14.27 4.38 6.25
CA GLY B 131 14.51 4.47 7.68
C GLY B 131 13.31 5.07 8.39
N GLY B 132 13.25 4.81 9.69
CA GLY B 132 12.14 5.27 10.50
C GLY B 132 12.37 5.22 11.99
N LEU B 133 11.36 4.77 12.74
CA LEU B 133 11.38 4.81 14.19
C LEU B 133 12.41 3.86 14.80
N ASP B 134 13.01 2.99 14.01
CA ASP B 134 14.04 2.09 14.54
C ASP B 134 15.41 2.74 14.59
N ASN B 135 15.52 4.03 14.24
CA ASN B 135 16.75 4.80 14.39
C ASN B 135 17.89 4.23 13.55
N ILE B 136 17.57 3.67 12.39
CA ILE B 136 18.54 3.05 11.49
C ILE B 136 18.17 3.40 10.07
N CYS B 137 19.17 3.70 9.24
CA CYS B 137 18.99 3.82 7.80
C CYS B 137 19.53 2.57 7.13
N SER B 138 18.69 1.90 6.36
CA SER B 138 19.04 0.64 5.71
C SER B 138 19.22 0.89 4.22
N ILE B 139 20.31 0.37 3.66
CA ILE B 139 20.61 0.45 2.24
C ILE B 139 20.38 -0.92 1.63
N TYR B 140 19.55 -0.99 0.60
CA TYR B 140 19.19 -2.25 -0.04
C TYR B 140 19.80 -2.33 -1.43
N ASN B 141 20.37 -3.48 -1.75
CA ASN B 141 21.03 -3.71 -3.02
C ASN B 141 20.01 -4.23 -4.04
N LEU B 142 19.67 -3.39 -5.01
CA LEU B 142 18.68 -3.79 -6.01
C LEU B 142 19.26 -4.78 -7.01
N LYS B 143 20.48 -4.53 -7.48
CA LYS B 143 21.09 -5.29 -8.57
C LYS B 143 22.15 -6.21 -7.99
N THR B 144 21.77 -7.46 -7.76
CA THR B 144 22.66 -8.47 -7.21
C THR B 144 22.84 -9.60 -8.21
N ARG B 145 23.90 -10.40 -8.00
CA ARG B 145 24.08 -11.59 -8.81
C ARG B 145 22.93 -12.57 -8.61
N GLU B 146 22.50 -12.76 -7.38
CA GLU B 146 21.29 -13.52 -7.11
C GLU B 146 20.07 -12.67 -7.43
N GLY B 147 18.92 -13.33 -7.56
CA GLY B 147 17.71 -12.64 -7.90
C GLY B 147 16.88 -12.21 -6.71
N ASN B 148 17.36 -11.22 -5.96
CA ASN B 148 16.62 -10.69 -4.82
C ASN B 148 17.13 -9.29 -4.52
N VAL B 149 16.60 -8.70 -3.46
CA VAL B 149 17.09 -7.44 -2.91
C VAL B 149 17.60 -7.73 -1.50
N ARG B 150 18.84 -7.32 -1.24
CA ARG B 150 19.51 -7.64 0.01
C ARG B 150 20.02 -6.37 0.66
N VAL B 151 20.10 -6.38 1.98
CA VAL B 151 20.66 -5.25 2.73
C VAL B 151 22.16 -5.16 2.46
N SER B 152 22.64 -3.94 2.24
CA SER B 152 24.06 -3.71 2.09
C SER B 152 24.71 -3.36 3.43
N ARG B 153 24.28 -2.25 4.03
CA ARG B 153 24.72 -1.87 5.36
C ARG B 153 23.57 -1.19 6.08
N GLU B 154 23.60 -1.25 7.41
CA GLU B 154 22.65 -0.58 8.26
C GLU B 154 23.37 0.56 8.98
N LEU B 155 22.90 1.79 8.77
CA LEU B 155 23.61 2.97 9.24
C LEU B 155 23.06 3.39 10.61
N ALA B 156 23.48 2.67 11.63
CA ALA B 156 23.18 3.05 13.00
C ALA B 156 24.10 4.18 13.44
N GLY B 157 23.61 5.01 14.36
CA GLY B 157 24.38 6.13 14.85
C GLY B 157 23.58 7.36 15.18
N HIS B 158 22.29 7.35 14.83
CA HIS B 158 21.36 8.39 15.21
C HIS B 158 20.59 7.96 16.46
N THR B 159 20.28 8.93 17.31
CA THR B 159 19.58 8.66 18.56
C THR B 159 18.10 9.00 18.49
N GLY B 160 17.57 9.27 17.29
CA GLY B 160 16.15 9.50 17.11
C GLY B 160 15.65 8.75 15.88
N TYR B 161 14.38 8.97 15.58
CA TYR B 161 13.82 8.45 14.35
C TYR B 161 14.39 9.20 13.14
N LEU B 162 14.62 8.48 12.06
CA LEU B 162 15.09 9.07 10.82
C LEU B 162 13.91 9.58 10.02
N SER B 163 13.95 10.85 9.64
CA SER B 163 12.81 11.48 9.00
C SER B 163 13.02 11.73 7.51
N CYS B 164 14.27 11.79 7.04
CA CYS B 164 14.55 11.95 5.63
C CYS B 164 15.93 11.40 5.34
N CYS B 165 16.14 11.01 4.09
CA CYS B 165 17.44 10.53 3.64
C CYS B 165 17.49 10.66 2.13
N ARG B 166 18.63 11.12 1.63
CA ARG B 166 18.85 11.29 0.20
C ARG B 166 20.24 10.77 -0.15
N PHE B 167 20.39 10.35 -1.40
CA PHE B 167 21.64 9.79 -1.89
C PHE B 167 22.45 10.87 -2.59
N LEU B 168 23.70 11.02 -2.19
CA LEU B 168 24.62 11.85 -2.96
C LEU B 168 25.16 11.07 -4.15
N ASP B 169 25.59 9.84 -3.92
CA ASP B 169 26.04 8.91 -4.95
C ASP B 169 25.89 7.51 -4.37
N ASP B 170 26.54 6.54 -5.01
CA ASP B 170 26.47 5.16 -4.52
C ASP B 170 27.13 4.98 -3.17
N ASN B 171 27.90 5.95 -2.69
CA ASN B 171 28.67 5.80 -1.46
C ASN B 171 28.34 6.82 -0.39
N GLN B 172 27.83 8.00 -0.74
CA GLN B 172 27.51 9.04 0.22
C GLN B 172 26.01 9.19 0.35
N ILE B 173 25.50 9.16 1.58
CA ILE B 173 24.09 9.37 1.87
C ILE B 173 23.97 10.30 3.07
N VAL B 174 23.09 11.29 2.97
CA VAL B 174 22.83 12.23 4.04
C VAL B 174 21.47 11.90 4.66
N THR B 175 21.46 11.72 5.98
CA THR B 175 20.26 11.29 6.70
C THR B 175 19.90 12.30 7.77
N SER B 176 18.66 12.78 7.74
CA SER B 176 18.11 13.58 8.82
C SER B 176 17.64 12.67 9.95
N SER B 177 17.31 13.28 11.09
CA SER B 177 16.94 12.50 12.26
C SER B 177 16.05 13.30 13.19
N GLY B 178 15.45 12.60 14.14
CA GLY B 178 14.68 13.21 15.19
C GLY B 178 15.49 13.61 16.40
N ASP B 179 16.81 13.43 16.36
CA ASP B 179 17.68 13.86 17.45
C ASP B 179 18.31 15.22 17.15
N THR B 180 17.61 16.07 16.41
CA THR B 180 17.96 17.46 16.13
C THR B 180 19.20 17.60 15.26
N THR B 181 19.67 16.53 14.62
CA THR B 181 20.90 16.58 13.84
C THR B 181 20.71 15.95 12.48
N CYS B 182 21.51 16.42 11.51
CA CYS B 182 21.71 15.77 10.23
C CYS B 182 23.09 15.15 10.20
N ALA B 183 23.27 14.16 9.33
CA ALA B 183 24.55 13.48 9.24
C ALA B 183 24.81 13.05 7.81
N LEU B 184 26.09 12.97 7.47
CA LEU B 184 26.55 12.44 6.19
C LEU B 184 27.29 11.14 6.45
N TRP B 185 26.95 10.09 5.71
CA TRP B 185 27.44 8.76 5.97
C TRP B 185 28.33 8.28 4.84
N ASP B 186 29.32 7.46 5.20
CA ASP B 186 30.10 6.68 4.24
C ASP B 186 29.57 5.26 4.28
N ILE B 187 28.86 4.85 3.23
CA ILE B 187 28.12 3.60 3.27
C ILE B 187 29.06 2.41 3.41
N GLU B 188 30.19 2.42 2.70
CA GLU B 188 31.10 1.29 2.71
C GLU B 188 31.65 1.03 4.10
N THR B 189 32.02 2.08 4.82
CA THR B 189 32.51 1.94 6.18
C THR B 189 31.41 1.99 7.23
N GLY B 190 30.25 2.55 6.89
CA GLY B 190 29.15 2.61 7.84
C GLY B 190 29.33 3.62 8.94
N GLN B 191 30.16 4.64 8.73
CA GLN B 191 30.43 5.66 9.72
C GLN B 191 30.05 7.03 9.18
N GLN B 192 29.78 7.96 10.09
CA GLN B 192 29.45 9.33 9.72
C GLN B 192 30.75 10.09 9.48
N THR B 193 30.99 10.49 8.23
CA THR B 193 32.17 11.29 7.94
C THR B 193 32.05 12.67 8.55
N THR B 194 30.90 13.32 8.39
CA THR B 194 30.63 14.59 9.04
C THR B 194 29.24 14.56 9.66
N THR B 195 29.10 15.24 10.79
CA THR B 195 27.84 15.31 11.52
C THR B 195 27.43 16.77 11.62
N PHE B 196 26.18 17.04 11.27
CA PHE B 196 25.65 18.40 11.24
C PHE B 196 24.83 18.61 12.51
N THR B 197 25.30 19.51 13.37
CA THR B 197 24.65 19.81 14.63
C THR B 197 24.32 21.30 14.68
N GLY B 198 23.64 21.70 15.76
CA GLY B 198 23.23 23.08 15.91
C GLY B 198 21.88 23.34 15.27
N HIS B 199 20.87 22.58 15.66
CA HIS B 199 19.53 22.72 15.09
C HIS B 199 18.54 22.33 16.17
N THR B 200 18.05 23.31 16.92
CA THR B 200 17.13 23.03 18.02
C THR B 200 15.85 22.40 17.48
N GLY B 201 15.38 21.35 18.15
CA GLY B 201 14.22 20.63 17.70
C GLY B 201 14.56 19.60 16.63
N ASP B 202 13.67 18.62 16.48
CA ASP B 202 13.90 17.52 15.56
C ASP B 202 13.79 18.01 14.12
N VAL B 203 14.76 17.66 13.29
CA VAL B 203 14.77 18.08 11.89
C VAL B 203 13.97 17.07 11.07
N MET B 204 13.00 17.57 10.32
CA MET B 204 11.97 16.74 9.71
C MET B 204 12.19 16.46 8.22
N SER B 205 13.06 17.21 7.54
CA SER B 205 13.19 17.04 6.11
C SER B 205 14.56 17.52 5.67
N LEU B 206 14.93 17.16 4.44
CA LEU B 206 16.14 17.67 3.82
C LEU B 206 15.97 17.59 2.31
N SER B 207 16.78 18.38 1.61
CA SER B 207 16.70 18.45 0.15
C SER B 207 18.07 18.80 -0.40
N LEU B 208 18.71 17.84 -1.07
CA LEU B 208 20.04 18.06 -1.62
C LEU B 208 19.99 19.09 -2.73
N ALA B 209 21.09 19.82 -2.88
CA ALA B 209 21.20 20.77 -3.97
C ALA B 209 21.29 20.02 -5.30
N PRO B 210 20.86 20.65 -6.40
CA PRO B 210 20.98 19.99 -7.70
C PRO B 210 22.41 19.60 -8.06
N ASP B 211 23.40 20.37 -7.60
CA ASP B 211 24.80 20.05 -7.80
C ASP B 211 25.41 19.26 -6.65
N THR B 212 24.61 18.91 -5.64
CA THR B 212 25.02 18.01 -4.55
C THR B 212 26.25 18.52 -3.80
N ARG B 213 26.33 19.82 -3.59
CA ARG B 213 27.36 20.41 -2.73
C ARG B 213 26.78 21.07 -1.49
N LEU B 214 25.48 21.30 -1.43
CA LEU B 214 24.80 21.86 -0.28
C LEU B 214 23.52 21.08 -0.04
N PHE B 215 22.98 21.17 1.17
CA PHE B 215 21.67 20.59 1.45
C PHE B 215 21.02 21.37 2.57
N VAL B 216 19.72 21.63 2.41
CA VAL B 216 18.93 22.34 3.39
C VAL B 216 18.21 21.31 4.26
N SER B 217 17.71 21.78 5.41
CA SER B 217 17.01 20.90 6.33
C SER B 217 16.14 21.74 7.25
N GLY B 218 14.88 21.36 7.38
CA GLY B 218 13.93 22.06 8.23
C GLY B 218 13.60 21.24 9.47
N ALA B 219 13.50 21.92 10.60
CA ALA B 219 13.30 21.28 11.89
C ALA B 219 12.00 21.75 12.54
N CYS B 220 11.77 21.27 13.76
CA CYS B 220 10.58 21.61 14.51
C CYS B 220 10.64 23.01 15.10
N ASP B 221 11.80 23.66 15.09
CA ASP B 221 11.93 25.03 15.58
C ASP B 221 11.60 26.06 14.52
N ALA B 222 10.96 25.66 13.42
CA ALA B 222 10.58 26.56 12.34
C ALA B 222 11.79 27.26 11.73
N SER B 223 12.94 26.62 11.79
CA SER B 223 14.18 27.16 11.25
C SER B 223 14.73 26.24 10.19
N ALA B 224 15.03 26.80 9.01
CA ALA B 224 15.60 26.05 7.90
C ALA B 224 17.05 26.48 7.74
N LYS B 225 17.97 25.52 7.82
CA LYS B 225 19.40 25.80 7.77
C LYS B 225 20.00 25.22 6.50
N LEU B 226 20.95 25.94 5.92
CA LEU B 226 21.68 25.50 4.75
C LEU B 226 23.08 25.08 5.17
N TRP B 227 23.48 23.87 4.77
CA TRP B 227 24.71 23.26 5.24
C TRP B 227 25.69 23.03 4.10
N ASP B 228 26.97 23.03 4.45
CA ASP B 228 28.05 22.69 3.53
C ASP B 228 28.47 21.24 3.80
N VAL B 229 28.38 20.40 2.76
CA VAL B 229 28.57 18.97 2.97
C VAL B 229 30.01 18.65 3.35
N ARG B 230 30.98 19.33 2.74
CA ARG B 230 32.37 19.06 3.04
C ARG B 230 32.81 19.78 4.31
N GLU B 231 32.51 21.07 4.42
CA GLU B 231 32.90 21.84 5.60
C GLU B 231 32.20 21.32 6.85
N GLY B 232 30.91 21.01 6.75
CA GLY B 232 30.14 20.56 7.90
C GLY B 232 29.55 21.66 8.75
N MET B 233 29.57 22.90 8.29
CA MET B 233 29.08 24.03 9.05
C MET B 233 27.85 24.62 8.39
N CYS B 234 26.91 25.10 9.21
CA CYS B 234 25.69 25.71 8.72
C CYS B 234 26.02 27.04 8.06
N ARG B 235 25.85 27.12 6.74
CA ARG B 235 26.16 28.34 6.02
C ARG B 235 25.17 29.45 6.37
N GLN B 236 23.87 29.15 6.32
CA GLN B 236 22.84 30.15 6.52
C GLN B 236 21.68 29.52 7.29
N THR B 237 20.92 30.37 7.98
CA THR B 237 19.74 29.94 8.73
C THR B 237 18.58 30.84 8.37
N PHE B 238 17.41 30.25 8.15
CA PHE B 238 16.23 30.97 7.69
C PHE B 238 15.08 30.77 8.66
N THR B 239 14.37 31.84 8.95
CA THR B 239 13.23 31.82 9.85
C THR B 239 12.06 32.56 9.23
N GLY B 240 10.89 32.40 9.84
CA GLY B 240 9.68 33.03 9.33
C GLY B 240 8.45 32.17 9.52
N HIS B 241 8.64 30.87 9.68
CA HIS B 241 7.53 29.98 9.95
C HIS B 241 7.07 30.13 11.40
N GLU B 242 5.75 30.04 11.61
CA GLU B 242 5.22 30.15 12.96
C GLU B 242 5.14 28.81 13.67
N SER B 243 5.05 27.71 12.93
CA SER B 243 5.03 26.37 13.51
C SER B 243 6.14 25.54 12.89
N ASP B 244 6.19 24.26 13.26
CA ASP B 244 7.28 23.40 12.87
C ASP B 244 7.25 23.11 11.37
N ILE B 245 8.39 22.68 10.85
CA ILE B 245 8.60 22.50 9.42
C ILE B 245 8.56 21.01 9.07
N ASN B 246 7.78 20.67 8.05
CA ASN B 246 7.62 19.29 7.63
C ASN B 246 8.17 18.98 6.24
N ALA B 247 8.19 19.96 5.34
CA ALA B 247 8.59 19.72 3.96
C ALA B 247 9.60 20.77 3.52
N ILE B 248 10.51 20.36 2.63
CA ILE B 248 11.54 21.24 2.11
C ILE B 248 11.97 20.69 0.77
N CYS B 249 12.32 21.59 -0.16
CA CYS B 249 12.74 21.18 -1.49
C CYS B 249 13.48 22.32 -2.17
N PHE B 250 14.56 21.97 -2.88
CA PHE B 250 15.32 22.96 -3.61
C PHE B 250 14.62 23.38 -4.90
N PHE B 251 14.74 24.66 -5.23
CA PHE B 251 14.36 25.14 -6.54
C PHE B 251 15.28 24.54 -7.60
N PRO B 252 14.78 24.33 -8.82
CA PRO B 252 15.65 23.79 -9.88
C PRO B 252 16.88 24.64 -10.15
N ASN B 253 16.78 25.97 -10.00
CA ASN B 253 17.92 26.85 -10.23
C ASN B 253 19.04 26.63 -9.21
N GLY B 254 18.71 26.11 -8.03
CA GLY B 254 19.69 25.91 -6.98
C GLY B 254 19.92 27.09 -6.08
N ASN B 255 19.31 28.24 -6.37
CA ASN B 255 19.50 29.46 -5.59
C ASN B 255 18.29 29.79 -4.72
N ALA B 256 17.36 28.86 -4.56
CA ALA B 256 16.17 29.08 -3.76
C ALA B 256 15.65 27.73 -3.31
N PHE B 257 14.73 27.76 -2.34
CA PHE B 257 14.09 26.55 -1.87
C PHE B 257 12.81 26.89 -1.11
N ALA B 258 11.83 26.00 -1.21
CA ALA B 258 10.53 26.18 -0.60
C ALA B 258 10.39 25.29 0.62
N THR B 259 9.54 25.72 1.55
CA THR B 259 9.34 25.02 2.81
C THR B 259 7.86 24.95 3.14
N GLY B 260 7.42 23.81 3.64
CA GLY B 260 6.04 23.61 4.06
C GLY B 260 5.97 23.33 5.56
N SER B 261 5.07 24.03 6.23
CA SER B 261 4.96 23.95 7.68
C SER B 261 3.51 23.69 8.09
N ASP B 262 3.32 23.50 9.39
CA ASP B 262 1.99 23.25 9.95
C ASP B 262 1.11 24.49 9.92
N ASP B 263 1.65 25.65 9.57
CA ASP B 263 0.89 26.89 9.51
C ASP B 263 -0.03 26.96 8.30
N ALA B 264 -0.17 25.88 7.53
CA ALA B 264 -0.89 25.90 6.27
C ALA B 264 -0.30 26.91 5.29
N THR B 265 1.01 27.12 5.38
CA THR B 265 1.70 28.10 4.56
C THR B 265 2.92 27.47 3.91
N CYS B 266 3.16 27.82 2.65
CA CYS B 266 4.39 27.50 1.96
C CYS B 266 5.18 28.79 1.78
N ARG B 267 6.48 28.74 2.09
CA ARG B 267 7.33 29.91 2.05
C ARG B 267 8.48 29.68 1.08
N LEU B 268 8.72 30.65 0.21
CA LEU B 268 9.83 30.61 -0.73
C LEU B 268 10.96 31.47 -0.19
N PHE B 269 12.13 30.88 0.01
CA PHE B 269 13.28 31.58 0.51
C PHE B 269 14.23 31.88 -0.64
N ASP B 270 15.43 32.38 -0.31
CA ASP B 270 16.43 32.66 -1.32
C ASP B 270 17.81 32.60 -0.69
N LEU B 271 18.67 31.73 -1.21
CA LEU B 271 20.01 31.58 -0.64
C LEU B 271 20.85 32.84 -0.83
N ARG B 272 20.74 33.46 -2.01
CA ARG B 272 21.55 34.63 -2.34
C ARG B 272 20.99 35.92 -1.76
N ALA B 273 19.78 35.89 -1.20
CA ALA B 273 19.22 37.02 -0.48
C ALA B 273 19.08 36.78 1.01
N ASP B 274 19.18 35.52 1.47
CA ASP B 274 19.11 35.16 2.88
C ASP B 274 17.78 35.52 3.51
N GLN B 275 16.74 35.70 2.70
CA GLN B 275 15.45 36.16 3.23
C GLN B 275 14.31 35.53 2.44
N GLU B 276 13.13 35.55 3.06
CA GLU B 276 11.95 34.96 2.45
C GLU B 276 11.48 35.77 1.25
N LEU B 277 11.09 35.07 0.18
CA LEU B 277 10.58 35.74 -1.02
C LEU B 277 9.09 36.04 -0.90
N MET B 278 8.28 35.00 -0.69
CA MET B 278 6.84 35.18 -0.52
C MET B 278 6.27 33.95 0.20
N THR B 279 5.03 34.09 0.66
CA THR B 279 4.31 33.05 1.37
C THR B 279 3.10 32.64 0.56
N TYR B 280 2.91 31.33 0.38
CA TYR B 280 1.77 30.79 -0.32
C TYR B 280 0.77 30.28 0.71
N SER B 281 -0.39 30.93 0.78
CA SER B 281 -1.40 30.57 1.76
C SER B 281 -2.77 31.03 1.25
N HIS B 282 -3.81 30.49 1.86
CA HIS B 282 -5.19 30.88 1.58
C HIS B 282 -5.97 30.74 2.89
N ASP B 283 -6.97 31.60 3.07
CA ASP B 283 -7.76 31.57 4.29
C ASP B 283 -8.48 30.24 4.46
N ASN B 284 -8.93 29.64 3.35
CA ASN B 284 -9.66 28.39 3.40
C ASN B 284 -8.79 27.20 3.79
N ILE B 285 -7.47 27.35 3.82
CA ILE B 285 -6.56 26.27 4.16
C ILE B 285 -6.03 26.49 5.56
N ILE B 286 -6.35 25.56 6.46
CA ILE B 286 -5.82 25.58 7.82
C ILE B 286 -5.04 24.32 8.15
N CYS B 287 -5.08 23.29 7.31
CA CYS B 287 -4.41 22.04 7.58
C CYS B 287 -2.90 22.17 7.36
N GLY B 288 -2.15 21.26 7.97
CA GLY B 288 -0.72 21.24 7.80
C GLY B 288 -0.31 20.85 6.39
N ILE B 289 0.98 21.02 6.12
CA ILE B 289 1.57 20.68 4.82
C ILE B 289 2.54 19.54 5.03
N THR B 290 2.34 18.44 4.31
CA THR B 290 3.10 17.22 4.52
C THR B 290 4.36 17.16 3.64
N SER B 291 4.20 17.34 2.34
CA SER B 291 5.33 17.28 1.43
C SER B 291 5.22 18.37 0.39
N VAL B 292 6.37 18.79 -0.14
CA VAL B 292 6.43 19.84 -1.14
C VAL B 292 7.45 19.44 -2.20
N SER B 293 7.21 19.88 -3.43
CA SER B 293 8.13 19.64 -4.52
C SER B 293 7.88 20.66 -5.62
N PHE B 294 8.87 20.83 -6.48
CA PHE B 294 8.83 21.83 -7.54
C PHE B 294 8.66 21.16 -8.89
N SER B 295 7.88 21.79 -9.76
CA SER B 295 7.81 21.36 -11.14
C SER B 295 9.07 21.80 -11.89
N LYS B 296 9.32 21.15 -13.02
CA LYS B 296 10.43 21.56 -13.86
C LYS B 296 10.18 22.97 -14.38
N SER B 297 11.27 23.73 -14.50
CA SER B 297 11.30 25.17 -14.74
C SER B 297 10.87 25.96 -13.50
N GLY B 298 10.46 25.29 -12.44
CA GLY B 298 10.17 25.97 -11.18
C GLY B 298 9.02 26.95 -11.24
N ARG B 299 8.09 26.78 -12.18
CA ARG B 299 6.95 27.67 -12.26
C ARG B 299 5.82 27.26 -11.33
N LEU B 300 5.68 25.97 -11.05
CA LEU B 300 4.63 25.46 -10.20
C LEU B 300 5.22 24.86 -8.93
N LEU B 301 4.54 25.07 -7.81
CA LEU B 301 4.93 24.49 -6.53
C LEU B 301 3.86 23.49 -6.10
N LEU B 302 4.26 22.23 -5.97
CA LEU B 302 3.34 21.15 -5.64
C LEU B 302 3.47 20.80 -4.16
N ALA B 303 2.39 20.98 -3.41
CA ALA B 303 2.40 20.81 -1.96
C ALA B 303 1.33 19.80 -1.55
N GLY B 304 1.69 18.91 -0.63
CA GLY B 304 0.74 17.96 -0.06
C GLY B 304 0.25 18.44 1.30
N TYR B 305 -1.05 18.30 1.52
CA TYR B 305 -1.72 18.87 2.67
C TYR B 305 -2.32 17.77 3.53
N ASP B 306 -2.88 18.18 4.68
CA ASP B 306 -3.58 17.27 5.56
C ASP B 306 -5.05 17.09 5.21
N ASP B 307 -5.62 17.98 4.40
CA ASP B 307 -7.03 17.91 4.03
C ASP B 307 -7.26 17.01 2.82
N PHE B 308 -6.35 16.07 2.56
CA PHE B 308 -6.46 14.99 1.58
C PHE B 308 -6.22 15.51 0.16
N ASN B 309 -5.75 16.73 0.01
CA ASN B 309 -5.69 17.39 -1.29
C ASN B 309 -4.29 17.94 -1.53
N CYS B 310 -3.91 18.01 -2.80
CA CYS B 310 -2.65 18.63 -3.21
C CYS B 310 -2.96 19.86 -4.06
N ASN B 311 -2.35 20.98 -3.71
CA ASN B 311 -2.60 22.24 -4.38
C ASN B 311 -1.41 22.61 -5.27
N VAL B 312 -1.72 23.08 -6.47
CA VAL B 312 -0.70 23.50 -7.42
C VAL B 312 -0.49 25.00 -7.23
N TRP B 313 0.61 25.37 -6.58
CA TRP B 313 0.92 26.76 -6.33
C TRP B 313 1.80 27.29 -7.46
N ASP B 314 1.39 28.42 -8.04
CA ASP B 314 2.25 29.14 -8.97
C ASP B 314 3.38 29.76 -8.17
N ALA B 315 4.63 29.42 -8.52
CA ALA B 315 5.77 29.88 -7.73
C ALA B 315 5.95 31.38 -7.83
N LEU B 316 5.83 31.94 -9.04
CA LEU B 316 6.08 33.37 -9.23
C LEU B 316 5.08 34.22 -8.46
N LYS B 317 3.79 33.92 -8.63
CA LYS B 317 2.76 34.63 -7.90
C LYS B 317 2.45 33.87 -6.61
N ALA B 318 1.38 34.24 -5.92
CA ALA B 318 1.00 33.57 -4.68
C ALA B 318 -0.39 32.97 -4.78
N ASP B 319 -0.78 32.55 -5.98
CA ASP B 319 -2.11 32.00 -6.23
C ASP B 319 -2.03 30.51 -6.53
N ARG B 320 -3.17 29.85 -6.33
CA ARG B 320 -3.28 28.43 -6.64
C ARG B 320 -3.55 28.27 -8.12
N ALA B 321 -2.64 27.56 -8.81
CA ALA B 321 -2.86 27.28 -10.22
C ALA B 321 -3.96 26.25 -10.41
N GLY B 322 -4.09 25.31 -9.48
CA GLY B 322 -5.14 24.32 -9.55
C GLY B 322 -5.01 23.34 -8.41
N VAL B 323 -6.02 22.49 -8.29
CA VAL B 323 -6.05 21.43 -7.29
C VAL B 323 -6.08 20.10 -8.02
N LEU B 324 -5.81 19.04 -7.29
CA LEU B 324 -5.99 17.74 -7.93
C LEU B 324 -6.85 16.79 -7.12
N ALA B 325 -6.78 16.86 -5.79
CA ALA B 325 -7.65 16.07 -4.90
C ALA B 325 -7.43 14.59 -5.21
N GLY B 326 -8.48 13.79 -5.35
CA GLY B 326 -8.33 12.40 -5.75
C GLY B 326 -7.86 11.46 -4.66
N HIS B 327 -7.72 11.92 -3.42
CA HIS B 327 -7.29 11.08 -2.32
C HIS B 327 -8.30 11.15 -1.19
N ASP B 328 -8.56 10.00 -0.57
CA ASP B 328 -9.54 9.90 0.50
C ASP B 328 -8.94 10.09 1.89
N ASN B 329 -7.61 10.13 2.00
CA ASN B 329 -6.95 10.32 3.28
C ASN B 329 -5.80 11.29 3.09
N ARG B 330 -5.02 11.49 4.15
CA ARG B 330 -3.99 12.52 4.16
C ARG B 330 -2.92 12.23 3.12
N VAL B 331 -2.57 13.25 2.34
CA VAL B 331 -1.52 13.14 1.33
C VAL B 331 -0.18 13.31 2.04
N SER B 332 0.55 12.20 2.21
CA SER B 332 1.75 12.22 3.04
C SER B 332 3.01 12.56 2.26
N CYS B 333 3.06 12.25 0.96
CA CYS B 333 4.28 12.43 0.18
C CYS B 333 3.92 12.72 -1.25
N LEU B 334 4.88 13.30 -1.98
CA LEU B 334 4.69 13.56 -3.40
C LEU B 334 6.06 13.78 -4.03
N GLY B 335 6.11 13.63 -5.35
CA GLY B 335 7.36 13.80 -6.08
C GLY B 335 7.10 14.03 -7.55
N VAL B 336 8.05 14.71 -8.18
CA VAL B 336 7.98 15.05 -9.59
C VAL B 336 9.18 14.44 -10.31
N THR B 337 8.96 13.94 -11.52
CA THR B 337 9.99 13.26 -12.28
C THR B 337 11.10 14.24 -12.69
N ASP B 338 12.25 13.68 -13.03
CA ASP B 338 13.39 14.51 -13.42
C ASP B 338 13.15 15.23 -14.74
N ASP B 339 12.37 14.64 -15.64
CA ASP B 339 11.99 15.31 -16.87
C ASP B 339 10.66 16.04 -16.76
N GLY B 340 10.03 16.02 -15.59
CA GLY B 340 8.77 16.72 -15.42
C GLY B 340 7.60 16.10 -16.13
N MET B 341 7.67 14.82 -16.45
CA MET B 341 6.57 14.19 -17.19
C MET B 341 5.33 14.06 -16.31
N ALA B 342 5.49 13.72 -15.04
CA ALA B 342 4.36 13.44 -14.18
C ALA B 342 4.72 13.74 -12.73
N VAL B 343 3.69 13.83 -11.90
CA VAL B 343 3.84 13.97 -10.46
C VAL B 343 3.12 12.82 -9.77
N ALA B 344 3.81 12.18 -8.83
CA ALA B 344 3.24 11.05 -8.09
C ALA B 344 3.01 11.48 -6.64
N THR B 345 1.81 11.19 -6.13
CA THR B 345 1.43 11.54 -4.78
C THR B 345 1.08 10.29 -3.99
N GLY B 346 1.66 10.15 -2.81
CA GLY B 346 1.25 9.11 -1.89
C GLY B 346 0.19 9.63 -0.93
N SER B 347 -0.38 8.71 -0.15
CA SER B 347 -1.43 9.08 0.79
C SER B 347 -1.56 8.01 1.85
N TRP B 348 -2.34 8.33 2.87
CA TRP B 348 -2.60 7.43 3.99
C TRP B 348 -3.67 6.38 3.68
N ASP B 349 -4.29 6.45 2.50
CA ASP B 349 -5.24 5.44 2.07
C ASP B 349 -4.58 4.30 1.32
N SER B 350 -3.24 4.28 1.26
CA SER B 350 -2.46 3.24 0.60
C SER B 350 -2.56 3.30 -0.92
N PHE B 351 -2.69 4.50 -1.49
CA PHE B 351 -2.84 4.65 -2.92
C PHE B 351 -1.88 5.71 -3.45
N LEU B 352 -1.25 5.40 -4.58
CA LEU B 352 -0.38 6.32 -5.28
C LEU B 352 -1.02 6.67 -6.62
N LYS B 353 -0.96 7.95 -6.99
CA LYS B 353 -1.60 8.42 -8.22
C LYS B 353 -0.60 9.22 -9.03
N ILE B 354 -0.44 8.86 -10.31
CA ILE B 354 0.55 9.47 -11.19
C ILE B 354 -0.20 10.50 -12.02
N TRP B 355 -0.22 11.74 -11.55
CA TRP B 355 -0.94 12.81 -12.23
C TRP B 355 -0.11 13.34 -13.39
N ASN B 356 -0.79 13.75 -14.46
CA ASN B 356 -0.13 14.22 -15.66
C ASN B 356 -0.93 15.30 -16.38
N ALA C 7 29.03 22.89 29.13
CA ALA C 7 28.08 23.69 28.35
C ALA C 7 27.76 25.00 29.06
N SER C 8 28.37 25.20 30.23
CA SER C 8 28.12 26.41 31.01
C SER C 8 28.61 27.66 30.26
N ILE C 9 29.79 27.59 29.66
CA ILE C 9 30.42 28.74 29.03
C ILE C 9 30.64 28.51 27.54
N ALA C 10 31.08 27.31 27.16
CA ALA C 10 31.44 27.06 25.77
C ALA C 10 30.22 27.11 24.85
N GLN C 11 29.04 26.75 25.38
CA GLN C 11 27.85 26.69 24.53
C GLN C 11 27.47 28.08 24.01
N ALA C 12 27.43 29.08 24.89
CA ALA C 12 27.06 30.42 24.47
C ALA C 12 28.09 31.00 23.50
N ARG C 13 29.37 30.77 23.76
CA ARG C 13 30.40 31.25 22.84
C ARG C 13 30.30 30.57 21.49
N LYS C 14 29.98 29.28 21.46
CA LYS C 14 29.77 28.58 20.21
C LYS C 14 28.59 29.17 19.45
N LEU C 15 27.49 29.46 20.15
CA LEU C 15 26.34 30.08 19.49
C LEU C 15 26.71 31.46 18.93
N VAL C 16 27.47 32.24 19.70
CA VAL C 16 27.89 33.56 19.23
C VAL C 16 28.77 33.44 17.99
N GLU C 17 29.70 32.48 18.00
CA GLU C 17 30.56 32.27 16.84
C GLU C 17 29.75 31.85 15.62
N GLN C 18 28.78 30.95 15.82
CA GLN C 18 27.94 30.52 14.71
C GLN C 18 27.17 31.70 14.13
N LEU C 19 26.62 32.55 14.99
CA LEU C 19 25.92 33.74 14.51
C LEU C 19 26.86 34.68 13.78
N LYS C 20 28.10 34.82 14.26
CA LYS C 20 29.08 35.64 13.56
C LYS C 20 29.39 35.07 12.18
N MET C 21 29.40 33.74 12.04
CA MET C 21 29.64 33.13 10.74
C MET C 21 28.57 33.55 9.72
N GLU C 22 27.30 33.53 10.14
CA GLU C 22 26.25 34.02 9.26
C GLU C 22 26.27 35.54 9.14
N ALA C 23 26.96 36.23 10.05
CA ALA C 23 27.03 37.68 9.97
C ALA C 23 27.88 38.15 8.79
N ASN C 24 28.93 37.41 8.45
CA ASN C 24 29.85 37.81 7.39
C ASN C 24 29.39 37.39 6.01
N ILE C 25 28.22 36.77 5.88
CA ILE C 25 27.75 36.28 4.60
C ILE C 25 27.37 37.46 3.72
N ASP C 26 27.87 37.45 2.48
CA ASP C 26 27.50 38.49 1.52
C ASP C 26 26.03 38.36 1.14
N ARG C 27 25.42 39.50 0.83
CA ARG C 27 24.02 39.54 0.42
C ARG C 27 23.87 40.40 -0.82
N ILE C 28 22.83 40.10 -1.60
CA ILE C 28 22.52 40.80 -2.84
C ILE C 28 21.08 41.28 -2.75
N LYS C 29 20.79 42.39 -3.44
CA LYS C 29 19.45 42.95 -3.44
C LYS C 29 18.45 41.92 -3.92
N VAL C 30 17.34 41.77 -3.19
CA VAL C 30 16.36 40.74 -3.48
C VAL C 30 15.68 40.98 -4.83
N SER C 31 15.70 42.21 -5.33
CA SER C 31 15.18 42.46 -6.67
C SER C 31 15.95 41.66 -7.71
N LYS C 32 17.27 41.63 -7.59
CA LYS C 32 18.09 40.85 -8.53
C LYS C 32 17.79 39.36 -8.43
N ALA C 33 17.64 38.85 -7.20
CA ALA C 33 17.34 37.43 -7.02
C ALA C 33 15.98 37.06 -7.60
N ALA C 34 14.98 37.92 -7.39
CA ALA C 34 13.66 37.68 -7.96
C ALA C 34 13.71 37.72 -9.49
N ALA C 35 14.47 38.68 -10.05
CA ALA C 35 14.61 38.74 -11.50
C ALA C 35 15.29 37.49 -12.04
N ASP C 36 16.30 36.99 -11.32
CA ASP C 36 16.98 35.78 -11.75
C ASP C 36 16.05 34.57 -11.70
N LEU C 37 15.23 34.47 -10.65
CA LEU C 37 14.27 33.37 -10.59
C LEU C 37 13.25 33.45 -11.72
N MET C 38 12.76 34.66 -12.01
CA MET C 38 11.82 34.81 -13.13
C MET C 38 12.49 34.47 -14.46
N ALA C 39 13.76 34.85 -14.62
CA ALA C 39 14.48 34.53 -15.85
C ALA C 39 14.64 33.02 -16.01
N TYR C 40 15.00 32.32 -14.93
CA TYR C 40 15.11 30.87 -15.00
C TYR C 40 13.77 30.23 -15.29
N CYS C 41 12.69 30.79 -14.74
CA CYS C 41 11.36 30.22 -14.96
C CYS C 41 10.92 30.43 -16.40
N GLU C 42 11.22 31.59 -16.98
CA GLU C 42 10.86 31.85 -18.38
C GLU C 42 11.85 31.24 -19.36
N ALA C 43 12.98 30.72 -18.89
CA ALA C 43 13.94 30.06 -19.77
C ALA C 43 13.56 28.62 -20.08
N HIS C 44 13.18 27.85 -19.05
CA HIS C 44 12.86 26.45 -19.20
C HIS C 44 11.36 26.19 -19.31
N ALA C 45 10.59 27.19 -19.73
CA ALA C 45 9.15 27.02 -19.82
C ALA C 45 8.75 25.99 -20.85
N LYS C 46 9.50 25.90 -21.96
CA LYS C 46 9.14 24.97 -23.03
C LYS C 46 9.24 23.52 -22.56
N GLU C 47 10.29 23.19 -21.81
CA GLU C 47 10.48 21.82 -21.33
C GLU C 47 9.81 21.59 -19.98
N ASP C 48 8.54 21.96 -19.89
CA ASP C 48 7.74 21.82 -18.66
C ASP C 48 6.46 21.10 -19.01
N PRO C 49 6.49 19.77 -19.08
CA PRO C 49 5.29 19.02 -19.45
C PRO C 49 4.11 19.23 -18.51
N LEU C 50 4.37 19.41 -17.22
CA LEU C 50 3.28 19.67 -16.28
C LEU C 50 2.64 21.03 -16.53
N LEU C 51 3.46 22.02 -16.87
CA LEU C 51 2.93 23.34 -17.24
C LEU C 51 2.07 23.25 -18.48
N THR C 52 2.61 22.66 -19.54
CA THR C 52 1.95 22.60 -20.84
C THR C 52 1.62 21.16 -21.17
N PRO C 53 0.35 20.74 -21.08
CA PRO C 53 0.00 19.38 -21.50
C PRO C 53 0.40 19.11 -22.94
N VAL C 54 1.37 18.23 -23.13
CA VAL C 54 1.86 17.87 -24.47
C VAL C 54 0.80 17.02 -25.16
N PRO C 55 0.79 16.97 -26.48
CA PRO C 55 -0.13 16.04 -27.16
C PRO C 55 0.16 14.61 -26.77
N ALA C 56 -0.89 13.79 -26.78
CA ALA C 56 -0.83 12.44 -26.20
C ALA C 56 0.14 11.53 -26.92
N SER C 57 0.63 11.90 -28.10
CA SER C 57 1.57 11.06 -28.81
C SER C 57 2.86 10.87 -28.02
N GLU C 58 3.38 11.94 -27.43
CA GLU C 58 4.60 11.86 -26.63
C GLU C 58 4.35 11.46 -25.18
N ASN C 59 3.11 11.52 -24.72
CA ASN C 59 2.82 11.23 -23.32
C ASN C 59 2.94 9.74 -23.06
N PRO C 60 3.84 9.29 -22.18
CA PRO C 60 3.94 7.86 -21.89
C PRO C 60 2.90 7.37 -20.91
N PHE C 61 2.15 8.26 -20.26
CA PHE C 61 1.11 7.90 -19.32
C PHE C 61 -0.29 8.06 -19.91
N ARG C 62 -0.39 8.11 -21.25
CA ARG C 62 -1.67 8.37 -21.89
C ARG C 62 -2.69 7.29 -21.56
N GLU C 63 -2.42 6.06 -21.98
CA GLU C 63 -3.33 4.94 -21.74
C GLU C 63 -2.56 3.67 -21.38
N THR D 147 -64.50 0.98 -6.27
CA THR D 147 -64.07 0.69 -4.90
C THR D 147 -62.77 -0.10 -4.89
N VAL D 148 -62.90 -1.43 -5.00
CA VAL D 148 -61.72 -2.29 -4.94
C VAL D 148 -60.80 -2.05 -6.13
N HIS D 149 -61.38 -1.73 -7.30
CA HIS D 149 -60.55 -1.44 -8.46
C HIS D 149 -59.72 -0.17 -8.26
N THR D 150 -60.33 0.87 -7.69
CA THR D 150 -59.58 2.10 -7.43
C THR D 150 -58.47 1.85 -6.42
N ALA D 151 -58.77 1.08 -5.37
CA ALA D 151 -57.73 0.73 -4.40
C ALA D 151 -56.61 -0.06 -5.05
N TYR D 152 -56.96 -0.98 -5.96
CA TYR D 152 -55.94 -1.77 -6.65
C TYR D 152 -55.07 -0.88 -7.53
N LEU D 153 -55.69 0.09 -8.21
CA LEU D 153 -54.92 1.04 -9.01
C LEU D 153 -53.96 1.84 -8.12
N VAL D 154 -54.44 2.29 -6.96
CA VAL D 154 -53.59 3.05 -6.05
C VAL D 154 -52.43 2.19 -5.56
N LEU D 155 -52.72 0.94 -5.19
CA LEU D 155 -51.66 0.04 -4.72
C LEU D 155 -50.64 -0.22 -5.82
N SER D 156 -51.10 -0.42 -7.05
CA SER D 156 -50.17 -0.65 -8.17
C SER D 156 -49.30 0.57 -8.44
N SER D 157 -49.90 1.77 -8.39
CA SER D 157 -49.12 2.98 -8.63
C SER D 157 -48.08 3.20 -7.53
N LEU D 158 -48.47 2.98 -6.27
CA LEU D 158 -47.51 3.11 -5.18
C LEU D 158 -46.42 2.06 -5.27
N ALA D 159 -46.77 0.84 -5.66
CA ALA D 159 -45.76 -0.20 -5.86
C ALA D 159 -44.79 0.18 -6.97
N MET D 160 -45.31 0.75 -8.06
CA MET D 160 -44.44 1.19 -9.15
C MET D 160 -43.47 2.27 -8.70
N PHE D 161 -43.97 3.28 -7.98
CA PHE D 161 -43.09 4.36 -7.53
C PHE D 161 -42.06 3.86 -6.52
N THR D 162 -42.49 3.01 -5.59
CA THR D 162 -41.55 2.49 -4.60
C THR D 162 -40.55 1.54 -5.23
N CYS D 163 -40.93 0.84 -6.30
CA CYS D 163 -39.98 -0.01 -7.00
C CYS D 163 -38.96 0.81 -7.78
N LEU D 164 -39.41 1.93 -8.35
CA LEU D 164 -38.47 2.86 -8.98
C LEU D 164 -37.43 3.33 -7.98
N CYS D 165 -37.88 3.83 -6.83
CA CYS D 165 -36.93 4.24 -5.80
C CYS D 165 -36.06 3.07 -5.35
N GLY D 166 -36.64 1.88 -5.28
CA GLY D 166 -35.90 0.72 -4.81
C GLY D 166 -34.76 0.33 -5.71
N MET D 167 -34.99 0.24 -7.03
CA MET D 167 -33.88 -0.22 -7.87
C MET D 167 -32.89 0.91 -8.07
N ALA D 168 -33.35 2.17 -7.96
CA ALA D 168 -32.38 3.25 -7.92
C ALA D 168 -31.41 3.10 -6.74
N GLY D 169 -31.96 2.89 -5.54
CA GLY D 169 -31.11 2.74 -4.36
C GLY D 169 -30.23 1.51 -4.43
N ASN D 170 -30.77 0.38 -4.88
CA ASN D 170 -29.97 -0.83 -4.98
C ASN D 170 -28.84 -0.67 -5.99
N SER D 171 -29.12 -0.05 -7.14
CA SER D 171 -28.06 0.20 -8.12
C SER D 171 -26.98 1.10 -7.55
N MET D 172 -27.38 2.13 -6.81
CA MET D 172 -26.38 3.00 -6.18
C MET D 172 -25.52 2.19 -5.21
N VAL D 173 -26.13 1.27 -4.47
CA VAL D 173 -25.36 0.49 -3.49
C VAL D 173 -24.38 -0.44 -4.20
N ILE D 174 -24.79 -1.08 -5.29
CA ILE D 174 -23.83 -1.89 -6.06
C ILE D 174 -22.72 -1.03 -6.62
N TRP D 175 -23.04 0.18 -7.08
CA TRP D 175 -22.01 1.06 -7.63
C TRP D 175 -20.99 1.44 -6.57
N LEU D 176 -21.46 1.77 -5.37
CA LEU D 176 -20.55 2.19 -4.30
C LEU D 176 -19.76 1.04 -3.70
N LEU D 177 -20.05 -0.20 -4.08
CA LEU D 177 -19.27 -1.36 -3.65
C LEU D 177 -18.82 -2.09 -4.92
N GLY D 178 -17.69 -1.64 -5.47
CA GLY D 178 -17.18 -2.21 -6.70
C GLY D 178 -15.91 -3.00 -6.46
N PHE D 179 -14.77 -2.41 -6.75
CA PHE D 179 -13.48 -3.00 -6.42
C PHE D 179 -12.93 -2.54 -5.09
N ARG D 180 -13.65 -1.67 -4.39
CA ARG D 180 -13.23 -1.12 -3.10
C ARG D 180 -14.31 -1.38 -2.06
N MET D 181 -13.99 -1.03 -0.81
CA MET D 181 -14.91 -1.20 0.33
C MET D 181 -15.26 -2.67 0.55
N HIS D 182 -14.23 -3.52 0.53
CA HIS D 182 -14.44 -4.96 0.62
C HIS D 182 -13.48 -5.68 1.55
N ARG D 183 -12.53 -5.00 2.19
CA ARG D 183 -11.73 -5.64 3.21
C ARG D 183 -12.53 -5.90 4.48
N ASN D 184 -13.63 -5.17 4.68
CA ASN D 184 -14.56 -5.42 5.76
C ASN D 184 -15.41 -6.65 5.45
N PRO D 185 -15.51 -7.61 6.37
CA PRO D 185 -16.26 -8.85 6.07
C PRO D 185 -17.77 -8.67 6.00
N PHE D 186 -18.29 -7.44 6.06
CA PHE D 186 -19.71 -7.17 6.04
C PHE D 186 -20.15 -6.46 4.77
N CYS D 187 -19.48 -6.72 3.65
CA CYS D 187 -19.80 -6.04 2.39
C CYS D 187 -20.16 -6.97 1.26
N ILE D 188 -19.62 -8.19 1.21
CA ILE D 188 -20.00 -9.12 0.16
C ILE D 188 -21.47 -9.50 0.30
N TYR D 189 -21.91 -9.76 1.53
CA TYR D 189 -23.32 -10.05 1.77
C TYR D 189 -24.20 -8.88 1.33
N ILE D 190 -23.80 -7.66 1.70
CA ILE D 190 -24.61 -6.50 1.34
C ILE D 190 -24.61 -6.27 -0.17
N LEU D 191 -23.46 -6.52 -0.83
CA LEU D 191 -23.41 -6.37 -2.27
C LEU D 191 -24.32 -7.38 -2.97
N ASN D 192 -24.26 -8.64 -2.54
CA ASN D 192 -25.12 -9.66 -3.12
C ASN D 192 -26.59 -9.35 -2.86
N LEU D 193 -26.91 -8.86 -1.66
CA LEU D 193 -28.29 -8.49 -1.36
C LEU D 193 -28.74 -7.32 -2.21
N ALA D 194 -27.85 -6.36 -2.46
CA ALA D 194 -28.20 -5.25 -3.33
C ALA D 194 -28.49 -5.73 -4.74
N ALA D 195 -27.68 -6.64 -5.27
CA ALA D 195 -27.94 -7.18 -6.60
C ALA D 195 -29.27 -7.94 -6.64
N ALA D 196 -29.50 -8.79 -5.63
CA ALA D 196 -30.71 -9.58 -5.59
C ALA D 196 -31.94 -8.70 -5.49
N ASP D 197 -31.89 -7.67 -4.63
CA ASP D 197 -33.02 -6.76 -4.51
C ASP D 197 -33.23 -5.95 -5.77
N LEU D 198 -32.13 -5.58 -6.46
CA LEU D 198 -32.27 -4.90 -7.75
C LEU D 198 -33.03 -5.76 -8.75
N LEU D 199 -32.65 -7.04 -8.85
CA LEU D 199 -33.35 -7.95 -9.75
C LEU D 199 -34.81 -8.12 -9.35
N PHE D 200 -35.06 -8.29 -8.05
CA PHE D 200 -36.41 -8.48 -7.54
C PHE D 200 -37.31 -7.29 -7.85
N LEU D 201 -36.81 -6.07 -7.59
CA LEU D 201 -37.63 -4.89 -7.81
C LEU D 201 -37.78 -4.57 -9.29
N PHE D 202 -36.76 -4.87 -10.10
CA PHE D 202 -36.92 -4.75 -11.54
C PHE D 202 -37.99 -5.70 -12.05
N SER D 203 -38.03 -6.92 -11.52
CA SER D 203 -39.08 -7.86 -11.89
C SER D 203 -40.45 -7.36 -11.48
N MET D 204 -40.56 -6.77 -10.28
CA MET D 204 -41.82 -6.13 -9.89
C MET D 204 -42.26 -5.06 -10.88
N ALA D 205 -41.36 -4.13 -11.20
CA ALA D 205 -41.72 -3.04 -12.10
C ALA D 205 -42.12 -3.58 -13.47
N SER D 206 -41.38 -4.57 -13.97
CA SER D 206 -41.68 -5.16 -15.26
C SER D 206 -43.03 -5.87 -15.25
N THR D 207 -43.33 -6.60 -14.17
CA THR D 207 -44.61 -7.29 -14.09
C THR D 207 -45.76 -6.29 -14.06
N LEU D 208 -45.61 -5.20 -13.32
CA LEU D 208 -46.65 -4.16 -13.30
C LEU D 208 -46.83 -3.55 -14.69
N SER D 209 -45.71 -3.30 -15.39
CA SER D 209 -45.81 -2.77 -16.75
C SER D 209 -46.52 -3.74 -17.68
N LEU D 210 -46.21 -5.03 -17.56
CA LEU D 210 -46.87 -6.04 -18.39
C LEU D 210 -48.37 -6.11 -18.08
N GLU D 211 -48.74 -5.96 -16.81
CA GLU D 211 -50.16 -5.91 -16.47
C GLU D 211 -50.84 -4.69 -17.10
N THR D 212 -50.16 -3.54 -17.09
CA THR D 212 -50.75 -2.35 -17.71
C THR D 212 -50.91 -2.49 -19.22
N GLN D 213 -50.16 -3.41 -19.84
CA GLN D 213 -50.25 -3.67 -21.28
C GLN D 213 -50.47 -5.17 -21.47
N PRO D 214 -51.67 -5.65 -21.20
CA PRO D 214 -51.92 -7.10 -21.31
C PRO D 214 -52.01 -7.55 -22.75
N LEU D 215 -51.80 -8.84 -22.94
CA LEU D 215 -51.86 -9.45 -24.27
C LEU D 215 -52.37 -10.87 -24.12
N VAL D 216 -52.20 -11.70 -25.15
CA VAL D 216 -52.77 -13.04 -25.19
C VAL D 216 -51.68 -14.11 -25.10
N ASN D 217 -50.77 -14.15 -26.07
CA ASN D 217 -49.85 -15.27 -26.23
C ASN D 217 -48.39 -14.92 -25.99
N THR D 218 -47.84 -13.96 -26.72
CA THR D 218 -46.42 -13.66 -26.60
C THR D 218 -46.07 -13.14 -25.21
N THR D 219 -46.93 -12.29 -24.63
CA THR D 219 -46.67 -11.72 -23.32
C THR D 219 -46.61 -12.78 -22.23
N ASP D 220 -47.45 -13.83 -22.34
CA ASP D 220 -47.62 -14.76 -21.24
C ASP D 220 -46.33 -15.48 -20.88
N LYS D 221 -45.56 -15.92 -21.87
CA LYS D 221 -44.40 -16.75 -21.56
C LYS D 221 -43.28 -15.94 -20.92
N VAL D 222 -42.99 -14.75 -21.46
CA VAL D 222 -41.99 -13.90 -20.83
C VAL D 222 -42.45 -13.45 -19.45
N HIS D 223 -43.77 -13.19 -19.30
CA HIS D 223 -44.29 -12.81 -18.00
C HIS D 223 -44.12 -13.93 -16.98
N GLU D 224 -44.40 -15.17 -17.38
CA GLU D 224 -44.22 -16.30 -16.47
C GLU D 224 -42.76 -16.49 -16.11
N LEU D 225 -41.87 -16.44 -17.09
CA LEU D 225 -40.45 -16.61 -16.81
C LEU D 225 -39.95 -15.53 -15.87
N MET D 226 -40.37 -14.29 -16.09
CA MET D 226 -39.82 -13.20 -15.29
C MET D 226 -40.49 -13.09 -13.93
N LYS D 227 -41.70 -13.60 -13.79
CA LYS D 227 -42.28 -13.79 -12.47
C LYS D 227 -41.53 -14.86 -11.69
N ARG D 228 -41.15 -15.95 -12.36
CA ARG D 228 -40.29 -16.94 -11.71
C ARG D 228 -38.96 -16.33 -11.33
N LEU D 229 -38.43 -15.43 -12.16
CA LEU D 229 -37.23 -14.68 -11.80
C LEU D 229 -37.45 -13.86 -10.54
N MET D 230 -38.61 -13.21 -10.45
CA MET D 230 -38.92 -12.41 -9.27
C MET D 230 -38.95 -13.27 -8.02
N TYR D 231 -39.57 -14.44 -8.08
CA TYR D 231 -39.62 -15.31 -6.91
C TYR D 231 -38.25 -15.87 -6.57
N PHE D 232 -37.42 -16.16 -7.58
CA PHE D 232 -36.06 -16.59 -7.33
C PHE D 232 -35.26 -15.51 -6.61
N ALA D 233 -35.38 -14.25 -7.07
CA ALA D 233 -34.70 -13.15 -6.41
C ALA D 233 -35.22 -12.94 -4.99
N TYR D 234 -36.54 -13.12 -4.79
CA TYR D 234 -37.12 -13.01 -3.46
C TYR D 234 -36.53 -14.03 -2.51
N THR D 235 -36.48 -15.30 -2.94
CA THR D 235 -35.96 -16.35 -2.08
C THR D 235 -34.48 -16.11 -1.75
N VAL D 236 -33.70 -15.70 -2.76
CA VAL D 236 -32.29 -15.46 -2.48
C VAL D 236 -32.10 -14.22 -1.59
N GLY D 237 -32.97 -13.22 -1.71
CA GLY D 237 -32.88 -12.07 -0.82
C GLY D 237 -33.19 -12.43 0.62
N LEU D 238 -34.20 -13.26 0.84
CA LEU D 238 -34.48 -13.74 2.19
C LEU D 238 -33.30 -14.53 2.73
N SER D 239 -32.70 -15.37 1.90
CA SER D 239 -31.53 -16.14 2.33
C SER D 239 -30.39 -15.21 2.71
N LEU D 240 -30.17 -14.15 1.94
CA LEU D 240 -29.09 -13.21 2.23
C LEU D 240 -29.35 -12.43 3.51
N LEU D 241 -30.60 -12.05 3.76
CA LEU D 241 -30.94 -11.42 5.03
C LEU D 241 -30.62 -12.34 6.21
N THR D 242 -31.00 -13.62 6.09
CA THR D 242 -30.71 -14.57 7.16
C THR D 242 -29.20 -14.71 7.37
N ALA D 243 -28.44 -14.81 6.29
CA ALA D 243 -26.99 -14.95 6.41
C ALA D 243 -26.36 -13.71 7.03
N ILE D 244 -26.83 -12.52 6.66
CA ILE D 244 -26.32 -11.28 7.21
C ILE D 244 -26.55 -11.25 8.72
N SER D 245 -27.77 -11.58 9.15
CA SER D 245 -28.07 -11.54 10.58
C SER D 245 -27.23 -12.56 11.34
N THR D 246 -27.09 -13.77 10.79
CA THR D 246 -26.26 -14.77 11.45
C THR D 246 -24.81 -14.33 11.55
N GLN D 247 -24.29 -13.69 10.50
CA GLN D 247 -22.92 -13.19 10.54
C GLN D 247 -22.75 -12.11 11.61
N ARG D 248 -23.72 -11.19 11.69
CA ARG D 248 -23.67 -10.16 12.73
C ARG D 248 -23.67 -10.78 14.12
N CYS D 249 -24.49 -11.81 14.34
CA CYS D 249 -24.51 -12.45 15.64
C CYS D 249 -23.19 -13.15 15.94
N LEU D 250 -22.66 -13.89 14.96
CA LEU D 250 -21.42 -14.64 15.16
C LEU D 250 -20.22 -13.72 15.37
N SER D 251 -20.28 -12.50 14.87
CA SER D 251 -19.17 -11.57 15.09
C SER D 251 -18.97 -11.25 16.56
N VAL D 252 -20.04 -11.30 17.36
CA VAL D 252 -19.95 -10.94 18.77
C VAL D 252 -19.98 -12.18 19.64
N LEU D 253 -20.58 -13.25 19.13
CA LEU D 253 -20.59 -14.50 19.90
C LEU D 253 -19.20 -15.13 19.94
N PHE D 254 -18.48 -15.07 18.82
CA PHE D 254 -17.13 -15.64 18.70
C PHE D 254 -16.24 -14.59 18.05
N PRO D 255 -15.78 -13.59 18.81
CA PRO D 255 -14.99 -12.52 18.18
C PRO D 255 -13.59 -12.96 17.79
N ILE D 256 -12.96 -13.81 18.59
CA ILE D 256 -11.63 -14.30 18.25
C ILE D 256 -11.68 -15.13 16.97
N TRP D 257 -12.67 -16.01 16.85
CA TRP D 257 -12.83 -16.78 15.62
C TRP D 257 -13.14 -15.86 14.43
N PHE D 258 -14.00 -14.86 14.64
CA PHE D 258 -14.36 -13.98 13.54
C PHE D 258 -13.18 -13.15 13.07
N LYS D 259 -12.25 -12.82 13.96
CA LYS D 259 -11.12 -11.98 13.58
C LYS D 259 -9.96 -12.80 13.02
N CYS D 260 -9.56 -13.86 13.71
CA CYS D 260 -8.31 -14.57 13.39
C CYS D 260 -8.52 -16.03 13.02
N HIS D 261 -9.75 -16.47 12.76
CA HIS D 261 -9.97 -17.86 12.34
C HIS D 261 -10.95 -18.02 11.20
N ARG D 262 -11.76 -17.02 10.87
CA ARG D 262 -12.75 -17.17 9.82
C ARG D 262 -12.10 -17.04 8.45
N PRO D 263 -12.34 -17.99 7.54
CA PRO D 263 -11.77 -17.87 6.19
C PRO D 263 -12.24 -16.61 5.50
N ARG D 264 -11.32 -15.96 4.80
CA ARG D 264 -11.62 -14.67 4.19
C ARG D 264 -12.66 -14.80 3.08
N HIS D 265 -12.72 -15.95 2.42
CA HIS D 265 -13.67 -16.19 1.35
C HIS D 265 -14.89 -16.97 1.80
N LEU D 266 -15.06 -17.18 3.11
CA LEU D 266 -16.22 -17.92 3.60
C LEU D 266 -17.51 -17.24 3.18
N SER D 267 -17.53 -15.89 3.24
CA SER D 267 -18.66 -15.16 2.71
C SER D 267 -18.91 -15.47 1.25
N ALA D 268 -17.84 -15.54 0.45
CA ALA D 268 -17.98 -15.74 -0.98
C ALA D 268 -18.65 -17.06 -1.31
N TRP D 269 -18.15 -18.17 -0.77
CA TRP D 269 -18.76 -19.43 -1.14
C TRP D 269 -20.05 -19.71 -0.36
N VAL D 270 -20.27 -19.07 0.79
CA VAL D 270 -21.60 -19.12 1.39
C VAL D 270 -22.62 -18.47 0.47
N CYS D 271 -22.28 -17.30 -0.08
CA CYS D 271 -23.19 -16.65 -1.03
C CYS D 271 -23.37 -17.49 -2.29
N GLY D 272 -22.28 -18.10 -2.77
CA GLY D 272 -22.40 -18.97 -3.93
C GLY D 272 -23.32 -20.15 -3.68
N LEU D 273 -23.19 -20.80 -2.52
CA LEU D 273 -24.07 -21.91 -2.17
C LEU D 273 -25.51 -21.43 -2.03
N LEU D 274 -25.72 -20.26 -1.45
CA LEU D 274 -27.08 -19.72 -1.33
C LEU D 274 -27.69 -19.51 -2.70
N TRP D 275 -26.94 -18.88 -3.61
CA TRP D 275 -27.45 -18.63 -4.96
C TRP D 275 -27.75 -19.93 -5.66
N THR D 276 -26.86 -20.92 -5.54
CA THR D 276 -27.05 -22.20 -6.21
C THR D 276 -28.28 -22.93 -5.69
N LEU D 277 -28.43 -23.00 -4.38
CA LEU D 277 -29.59 -23.69 -3.80
C LEU D 277 -30.88 -22.99 -4.14
N CYS D 278 -30.88 -21.65 -4.10
CA CYS D 278 -32.08 -20.91 -4.45
C CYS D 278 -32.44 -21.12 -5.93
N LEU D 279 -31.44 -21.11 -6.80
CA LEU D 279 -31.71 -21.36 -8.22
C LEU D 279 -32.26 -22.77 -8.44
N LEU D 280 -31.68 -23.76 -7.77
CA LEU D 280 -32.17 -25.13 -7.90
C LEU D 280 -33.63 -25.24 -7.46
N MET D 281 -33.94 -24.73 -6.27
CA MET D 281 -35.29 -24.85 -5.75
C MET D 281 -36.28 -24.07 -6.59
N ASN D 282 -35.89 -22.87 -7.05
CA ASN D 282 -36.80 -22.07 -7.85
C ASN D 282 -37.01 -22.66 -9.24
N GLY D 283 -35.97 -23.26 -9.82
CA GLY D 283 -36.15 -23.97 -11.07
C GLY D 283 -37.08 -25.15 -10.93
N LEU D 284 -36.94 -25.91 -9.84
CA LEU D 284 -37.85 -27.01 -9.58
C LEU D 284 -39.29 -26.51 -9.45
N THR D 285 -39.49 -25.43 -8.68
CA THR D 285 -40.83 -24.90 -8.47
C THR D 285 -41.42 -24.37 -9.77
N SER D 286 -40.61 -23.69 -10.58
CA SER D 286 -41.11 -23.17 -11.86
C SER D 286 -41.45 -24.30 -12.83
N SER D 287 -40.59 -25.32 -12.90
CA SER D 287 -40.85 -26.43 -13.81
C SER D 287 -42.04 -27.27 -13.36
N PHE D 288 -42.36 -27.28 -12.07
CA PHE D 288 -43.51 -28.03 -11.57
C PHE D 288 -44.73 -27.15 -11.34
N CYS D 289 -44.64 -25.85 -11.63
CA CYS D 289 -45.74 -24.93 -11.38
C CYS D 289 -46.16 -24.11 -12.59
N SER D 290 -45.31 -23.93 -13.58
CA SER D 290 -45.64 -23.07 -14.71
C SER D 290 -46.43 -23.85 -15.76
N LYS D 291 -47.50 -23.23 -16.27
CA LYS D 291 -48.23 -23.84 -17.37
C LYS D 291 -47.40 -23.94 -18.64
N PHE D 292 -46.34 -23.13 -18.75
CA PHE D 292 -45.48 -23.21 -19.92
C PHE D 292 -44.76 -24.55 -20.00
N LEU D 293 -44.21 -25.02 -18.88
CA LEU D 293 -43.50 -26.30 -18.85
C LEU D 293 -44.37 -27.44 -18.34
N LYS D 294 -44.85 -27.34 -17.11
CA LYS D 294 -45.62 -28.43 -16.50
C LYS D 294 -46.50 -27.84 -15.41
N PHE D 295 -47.80 -27.76 -15.66
CA PHE D 295 -48.74 -27.22 -14.67
C PHE D 295 -49.33 -28.34 -13.81
N ASN D 296 -48.47 -29.16 -13.24
CA ASN D 296 -48.89 -30.26 -12.37
C ASN D 296 -49.35 -29.65 -11.04
N GLU D 297 -50.66 -29.55 -10.86
CA GLU D 297 -51.19 -28.87 -9.67
C GLU D 297 -50.74 -29.57 -8.39
N ASP D 298 -50.81 -30.90 -8.36
CA ASP D 298 -50.36 -31.62 -7.18
C ASP D 298 -48.87 -31.41 -6.93
N ARG D 299 -48.06 -31.47 -7.99
CA ARG D 299 -46.63 -31.29 -7.82
C ARG D 299 -46.28 -29.84 -7.51
N CYS D 300 -47.02 -28.90 -8.08
CA CYS D 300 -46.84 -27.50 -7.71
C CYS D 300 -47.11 -27.30 -6.23
N PHE D 301 -48.21 -27.88 -5.72
CA PHE D 301 -48.50 -27.77 -4.30
C PHE D 301 -47.44 -28.43 -3.44
N ARG D 302 -46.95 -29.60 -3.87
CA ARG D 302 -45.93 -30.29 -3.07
C ARG D 302 -44.63 -29.49 -3.00
N VAL D 303 -44.19 -28.95 -4.13
CA VAL D 303 -42.94 -28.18 -4.13
C VAL D 303 -43.12 -26.88 -3.35
N ASP D 304 -44.30 -26.26 -3.45
CA ASP D 304 -44.56 -25.05 -2.67
C ASP D 304 -44.58 -25.35 -1.17
N MET D 305 -45.15 -26.50 -0.79
CA MET D 305 -45.15 -26.87 0.62
C MET D 305 -43.74 -27.13 1.12
N VAL D 306 -42.91 -27.78 0.32
CA VAL D 306 -41.52 -28.02 0.73
C VAL D 306 -40.79 -26.70 0.88
N GLN D 307 -40.98 -25.78 -0.06
CA GLN D 307 -40.32 -24.47 0.03
C GLN D 307 -40.79 -23.71 1.27
N ALA D 308 -42.10 -23.71 1.54
CA ALA D 308 -42.62 -23.01 2.70
C ALA D 308 -42.12 -23.62 3.99
N ALA D 309 -42.06 -24.95 4.06
CA ALA D 309 -41.54 -25.60 5.26
C ALA D 309 -40.10 -25.23 5.47
N LEU D 310 -39.29 -25.25 4.41
CA LEU D 310 -37.89 -24.88 4.55
C LEU D 310 -37.73 -23.44 4.99
N ILE D 311 -38.50 -22.52 4.40
CA ILE D 311 -38.39 -21.12 4.75
C ILE D 311 -38.80 -20.89 6.20
N MET D 312 -39.99 -21.34 6.57
CA MET D 312 -40.50 -21.10 7.92
C MET D 312 -39.81 -21.94 8.98
N GLY D 313 -38.99 -22.91 8.59
CA GLY D 313 -38.25 -23.67 9.58
C GLY D 313 -36.77 -23.37 9.61
N VAL D 314 -36.29 -22.58 8.66
CA VAL D 314 -34.88 -22.20 8.67
C VAL D 314 -34.73 -20.69 8.67
N LEU D 315 -35.26 -20.02 7.64
CA LEU D 315 -34.95 -18.61 7.44
C LEU D 315 -35.49 -17.75 8.57
N THR D 316 -36.78 -17.89 8.87
CA THR D 316 -37.35 -17.11 9.97
C THR D 316 -36.78 -17.51 11.33
N PRO D 317 -36.73 -18.78 11.72
CA PRO D 317 -36.16 -19.10 13.05
C PRO D 317 -34.72 -18.67 13.19
N VAL D 318 -33.87 -18.97 12.20
CA VAL D 318 -32.45 -18.64 12.33
C VAL D 318 -32.24 -17.14 12.33
N MET D 319 -32.92 -16.41 11.44
CA MET D 319 -32.77 -14.95 11.40
C MET D 319 -33.20 -14.33 12.71
N THR D 320 -34.41 -14.67 13.18
CA THR D 320 -34.91 -14.08 14.41
C THR D 320 -34.05 -14.46 15.61
N LEU D 321 -33.64 -15.73 15.69
CA LEU D 321 -32.83 -16.19 16.82
C LEU D 321 -31.47 -15.52 16.84
N SER D 322 -30.82 -15.39 15.67
CA SER D 322 -29.53 -14.74 15.63
C SER D 322 -29.64 -13.27 16.00
N SER D 323 -30.65 -12.58 15.48
CA SER D 323 -30.81 -11.17 15.81
C SER D 323 -31.11 -10.97 17.28
N LEU D 324 -31.99 -11.80 17.85
CA LEU D 324 -32.32 -11.70 19.26
C LEU D 324 -31.13 -12.07 20.14
N THR D 325 -30.33 -13.05 19.72
CA THR D 325 -29.15 -13.42 20.51
C THR D 325 -28.13 -12.30 20.50
N LEU D 326 -27.94 -11.64 19.35
CA LEU D 326 -27.08 -10.46 19.31
C LEU D 326 -27.60 -9.38 20.26
N PHE D 327 -28.91 -9.12 20.21
CA PHE D 327 -29.51 -8.12 21.08
C PHE D 327 -29.26 -8.43 22.55
N VAL D 328 -29.59 -9.66 22.97
CA VAL D 328 -29.46 -10.05 24.37
C VAL D 328 -28.00 -10.04 24.80
N TRP D 329 -27.11 -10.54 23.95
CA TRP D 329 -25.70 -10.60 24.32
C TRP D 329 -25.11 -9.22 24.50
N VAL D 330 -25.41 -8.29 23.59
CA VAL D 330 -24.85 -6.95 23.78
C VAL D 330 -25.58 -6.18 24.86
N ARG D 331 -26.78 -6.60 25.25
CA ARG D 331 -27.45 -5.98 26.40
C ARG D 331 -26.85 -6.47 27.71
N ARG D 332 -26.52 -7.76 27.80
CA ARG D 332 -26.06 -8.36 29.04
C ARG D 332 -24.55 -8.51 29.12
N SER D 333 -23.81 -8.02 28.13
CA SER D 333 -22.36 -8.16 28.14
C SER D 333 -21.62 -6.84 28.05
N SER D 334 -22.17 -5.83 27.37
CA SER D 334 -21.45 -4.58 27.20
C SER D 334 -22.30 -3.39 27.60
N GLN D 335 -23.62 -3.50 27.49
CA GLN D 335 -24.49 -2.37 27.76
C GLN D 335 -24.43 -1.93 29.22
N GLN D 336 -24.09 -2.83 30.14
CA GLN D 336 -24.08 -2.47 31.55
C GLN D 336 -22.91 -1.56 31.89
N TRP D 337 -21.70 -1.90 31.41
CA TRP D 337 -20.51 -1.16 31.81
C TRP D 337 -20.36 0.14 31.03
N ARG D 338 -20.24 0.06 29.72
CA ARG D 338 -20.11 1.24 28.89
C ARG D 338 -21.50 1.87 28.70
N ARG D 339 -21.58 2.87 27.84
CA ARG D 339 -22.87 3.43 27.49
C ARG D 339 -23.69 2.40 26.72
N GLN D 340 -24.99 2.37 26.97
CA GLN D 340 -25.86 1.42 26.29
C GLN D 340 -25.93 1.75 24.80
N PRO D 341 -25.62 0.82 23.91
CA PRO D 341 -25.66 1.12 22.48
C PRO D 341 -27.07 1.17 21.93
N THR D 342 -27.76 2.31 22.13
CA THR D 342 -29.14 2.41 21.68
C THR D 342 -29.26 2.31 20.17
N ARG D 343 -28.27 2.79 19.43
CA ARG D 343 -28.31 2.66 17.97
C ARG D 343 -28.35 1.19 17.55
N LEU D 344 -27.54 0.36 18.19
CA LEU D 344 -27.57 -1.08 17.89
C LEU D 344 -28.95 -1.66 18.11
N PHE D 345 -29.54 -1.37 19.27
CA PHE D 345 -30.86 -1.91 19.60
C PHE D 345 -31.90 -1.45 18.59
N VAL D 346 -31.88 -0.16 18.24
CA VAL D 346 -32.92 0.37 17.36
C VAL D 346 -32.77 -0.21 15.95
N VAL D 347 -31.54 -0.32 15.44
CA VAL D 347 -31.38 -0.85 14.09
C VAL D 347 -31.69 -2.35 14.05
N VAL D 348 -31.33 -3.09 15.10
CA VAL D 348 -31.65 -4.52 15.13
C VAL D 348 -33.15 -4.73 15.18
N LEU D 349 -33.85 -3.98 16.04
CA LEU D 349 -35.30 -4.09 16.11
C LEU D 349 -35.93 -3.69 14.79
N ALA D 350 -35.42 -2.63 14.15
CA ALA D 350 -35.97 -2.21 12.86
C ALA D 350 -35.78 -3.29 11.82
N SER D 351 -34.62 -3.94 11.81
CA SER D 351 -34.37 -5.00 10.84
C SER D 351 -35.34 -6.17 11.04
N VAL D 352 -35.50 -6.62 12.29
CA VAL D 352 -36.40 -7.74 12.53
C VAL D 352 -37.84 -7.36 12.22
N LEU D 353 -38.24 -6.13 12.58
CA LEU D 353 -39.60 -5.68 12.26
C LEU D 353 -39.84 -5.66 10.77
N VAL D 354 -38.96 -5.01 10.01
CA VAL D 354 -39.17 -4.90 8.58
C VAL D 354 -39.15 -6.27 7.93
N PHE D 355 -38.25 -7.16 8.38
CA PHE D 355 -38.28 -8.53 7.90
C PHE D 355 -39.64 -9.17 8.14
N LEU D 356 -40.00 -9.35 9.41
CA LEU D 356 -41.16 -10.16 9.77
C LEU D 356 -42.47 -9.59 9.27
N ILE D 357 -42.56 -8.28 9.01
CA ILE D 357 -43.83 -7.72 8.56
C ILE D 357 -43.75 -7.14 7.16
N CYS D 358 -42.66 -7.35 6.45
CA CYS D 358 -42.66 -6.91 5.06
C CYS D 358 -42.17 -7.97 4.09
N SER D 359 -41.18 -8.78 4.48
CA SER D 359 -40.61 -9.77 3.58
C SER D 359 -41.32 -11.12 3.66
N LEU D 360 -41.62 -11.59 4.87
CA LEU D 360 -42.38 -12.83 5.01
C LEU D 360 -43.76 -12.79 4.34
N PRO D 361 -44.58 -11.70 4.44
CA PRO D 361 -45.92 -11.71 3.84
C PRO D 361 -46.02 -12.37 2.47
N LEU D 362 -45.15 -11.98 1.54
CA LEU D 362 -45.24 -12.55 0.21
C LEU D 362 -44.96 -14.05 0.21
N SER D 363 -43.96 -14.48 1.00
CA SER D 363 -43.65 -15.91 1.06
C SER D 363 -44.84 -16.69 1.59
N ILE D 364 -45.39 -16.28 2.74
CA ILE D 364 -46.49 -17.03 3.32
C ILE D 364 -47.70 -17.01 2.39
N TYR D 365 -48.03 -15.86 1.80
CA TYR D 365 -49.13 -15.80 0.85
C TYR D 365 -48.91 -16.78 -0.29
N TRP D 366 -47.88 -16.54 -1.11
CA TRP D 366 -47.63 -17.28 -2.34
C TRP D 366 -47.35 -18.76 -2.09
N PHE D 367 -47.04 -19.16 -0.87
CA PHE D 367 -46.80 -20.58 -0.60
C PHE D 367 -48.00 -21.28 0.01
N VAL D 368 -48.67 -20.69 0.99
CA VAL D 368 -49.76 -21.36 1.70
C VAL D 368 -51.12 -20.82 1.29
N LEU D 369 -51.28 -19.49 1.25
CA LEU D 369 -52.60 -18.94 1.00
C LEU D 369 -53.06 -19.19 -0.43
N TYR D 370 -52.13 -19.48 -1.33
CA TYR D 370 -52.49 -19.85 -2.70
C TYR D 370 -53.21 -21.19 -2.76
N TRP D 371 -53.13 -21.99 -1.69
CA TRP D 371 -53.69 -23.34 -1.69
C TRP D 371 -54.63 -23.59 -0.52
N LEU D 372 -55.15 -22.53 0.10
CA LEU D 372 -56.10 -22.68 1.19
C LEU D 372 -57.53 -22.38 0.75
N SER D 373 -57.78 -22.25 -0.55
CA SER D 373 -59.11 -22.02 -1.11
C SER D 373 -59.75 -20.78 -0.49
N LEU D 374 -59.02 -19.66 -0.57
CA LEU D 374 -59.56 -18.40 -0.10
C LEU D 374 -60.74 -17.98 -0.98
N PRO D 375 -61.72 -17.29 -0.40
CA PRO D 375 -62.87 -16.83 -1.19
C PRO D 375 -62.46 -15.77 -2.20
N PRO D 376 -63.26 -15.56 -3.24
CA PRO D 376 -62.93 -14.52 -4.22
C PRO D 376 -62.98 -13.13 -3.59
N GLU D 377 -62.37 -12.17 -4.30
CA GLU D 377 -62.26 -10.78 -3.85
C GLU D 377 -61.50 -10.65 -2.54
N MET D 378 -60.74 -11.68 -2.18
CA MET D 378 -59.91 -11.65 -0.97
C MET D 378 -58.47 -11.99 -1.33
N GLN D 379 -58.30 -12.85 -2.33
CA GLN D 379 -56.96 -13.21 -2.78
C GLN D 379 -56.23 -12.01 -3.35
N VAL D 380 -56.94 -11.15 -4.06
CA VAL D 380 -56.33 -9.95 -4.64
C VAL D 380 -55.77 -9.06 -3.54
N LEU D 381 -56.53 -8.86 -2.47
CA LEU D 381 -56.09 -7.98 -1.39
C LEU D 381 -54.81 -8.50 -0.74
N CYS D 382 -54.79 -9.80 -0.41
CA CYS D 382 -53.60 -10.38 0.21
C CYS D 382 -52.40 -10.33 -0.74
N PHE D 383 -52.62 -10.65 -2.02
CA PHE D 383 -51.52 -10.63 -2.97
C PHE D 383 -50.94 -9.23 -3.11
N SER D 384 -51.79 -8.22 -3.26
CA SER D 384 -51.32 -6.86 -3.43
C SER D 384 -50.62 -6.35 -2.17
N LEU D 385 -51.17 -6.66 -0.99
CA LEU D 385 -50.54 -6.25 0.25
C LEU D 385 -49.16 -6.87 0.40
N SER D 386 -49.05 -8.17 0.12
CA SER D 386 -47.76 -8.85 0.25
C SER D 386 -46.75 -8.30 -0.75
N ARG D 387 -47.19 -8.04 -1.99
CA ARG D 387 -46.28 -7.50 -2.98
C ARG D 387 -45.79 -6.12 -2.60
N LEU D 388 -46.70 -5.26 -2.12
CA LEU D 388 -46.28 -3.92 -1.70
C LEU D 388 -45.33 -3.99 -0.51
N SER D 389 -45.62 -4.86 0.46
CA SER D 389 -44.76 -4.99 1.61
C SER D 389 -43.36 -5.45 1.22
N SER D 390 -43.27 -6.44 0.32
CA SER D 390 -41.96 -6.93 -0.11
C SER D 390 -41.23 -5.87 -0.94
N SER D 391 -41.95 -5.11 -1.76
CA SER D 391 -41.32 -4.04 -2.51
C SER D 391 -40.76 -2.97 -1.58
N VAL D 392 -41.51 -2.61 -0.54
CA VAL D 392 -41.01 -1.63 0.43
C VAL D 392 -39.80 -2.19 1.18
N SER D 393 -39.85 -3.46 1.57
CA SER D 393 -38.73 -4.06 2.28
C SER D 393 -37.48 -4.08 1.42
N SER D 394 -37.61 -4.45 0.15
CA SER D 394 -36.45 -4.51 -0.72
C SER D 394 -35.94 -3.12 -1.08
N SER D 395 -36.84 -2.12 -1.09
CA SER D 395 -36.40 -0.76 -1.35
C SER D 395 -35.69 -0.16 -0.16
N ALA D 396 -36.09 -0.55 1.05
CA ALA D 396 -35.51 0.01 2.27
C ALA D 396 -34.34 -0.79 2.80
N ASN D 397 -34.13 -2.01 2.31
CA ASN D 397 -32.97 -2.80 2.74
C ASN D 397 -31.63 -2.10 2.50
N PRO D 398 -31.38 -1.46 1.36
CA PRO D 398 -30.13 -0.69 1.26
C PRO D 398 -30.00 0.38 2.32
N VAL D 399 -31.08 1.10 2.64
CA VAL D 399 -31.00 2.15 3.65
C VAL D 399 -30.67 1.55 5.01
N ILE D 400 -31.28 0.43 5.36
CA ILE D 400 -31.06 -0.17 6.68
C ILE D 400 -29.81 -1.01 6.75
N TYR D 401 -29.12 -1.24 5.63
CA TYR D 401 -27.93 -2.08 5.69
C TYR D 401 -26.64 -1.39 5.27
N PHE D 402 -26.66 -0.61 4.19
CA PHE D 402 -25.47 0.08 3.73
C PHE D 402 -25.36 1.51 4.24
N LEU D 403 -26.45 2.30 4.12
CA LEU D 403 -26.42 3.67 4.62
C LEU D 403 -26.16 3.71 6.12
N VAL D 404 -26.84 2.86 6.88
CA VAL D 404 -26.57 2.69 8.30
C VAL D 404 -25.47 1.64 8.38
N GLY D 405 -24.22 2.09 8.38
CA GLY D 405 -23.09 1.21 8.29
C GLY D 405 -22.03 1.69 7.31
N SER D 406 -22.19 2.92 6.84
CA SER D 406 -21.21 3.54 5.93
C SER D 406 -20.07 4.14 6.76
N ARG D 407 -19.31 3.23 7.38
CA ARG D 407 -18.19 3.63 8.23
C ARG D 407 -17.13 4.38 7.43
N ARG D 408 -16.81 3.88 6.23
CA ARG D 408 -15.76 4.49 5.44
C ARG D 408 -16.21 5.82 4.85
N SER D 409 -17.42 5.89 4.32
CA SER D 409 -17.87 7.08 3.60
C SER D 409 -18.33 8.20 4.52
N HIS D 410 -18.54 7.94 5.80
CA HIS D 410 -18.97 8.98 6.72
C HIS D 410 -17.86 10.02 6.93
N VAL E 39 26.80 -18.67 -7.97
CA VAL E 39 25.75 -18.98 -8.92
C VAL E 39 26.21 -20.04 -9.90
N GLN E 40 25.78 -21.28 -9.69
CA GLN E 40 26.13 -22.37 -10.59
C GLN E 40 24.91 -23.24 -10.84
N LEU E 41 24.86 -23.84 -12.02
CA LEU E 41 23.77 -24.71 -12.45
C LEU E 41 24.38 -26.01 -12.97
N VAL E 42 24.60 -26.96 -12.07
CA VAL E 42 25.13 -28.27 -12.46
C VAL E 42 23.97 -29.15 -12.91
N GLU E 43 24.10 -29.70 -14.12
CA GLU E 43 23.06 -30.54 -14.71
C GLU E 43 23.52 -31.98 -14.73
N SER E 44 22.58 -32.90 -14.53
CA SER E 44 22.90 -34.32 -14.42
C SER E 44 22.07 -35.15 -15.40
N GLY E 45 22.12 -36.46 -15.25
CA GLY E 45 21.39 -37.34 -16.15
C GLY E 45 22.12 -37.55 -17.46
N GLY E 46 21.35 -37.91 -18.48
CA GLY E 46 21.89 -38.11 -19.81
C GLY E 46 22.64 -39.42 -19.96
N GLY E 47 23.21 -39.60 -21.16
CA GLY E 47 23.95 -40.79 -21.49
C GLY E 47 23.45 -41.39 -22.79
N LEU E 48 23.71 -42.69 -22.96
CA LEU E 48 23.30 -43.40 -24.16
C LEU E 48 21.94 -44.03 -23.93
N VAL E 49 20.96 -43.62 -24.74
CA VAL E 49 19.59 -44.10 -24.64
C VAL E 49 19.18 -44.65 -26.01
N GLN E 50 18.58 -45.84 -26.01
CA GLN E 50 18.08 -46.41 -27.25
C GLN E 50 16.88 -45.60 -27.74
N PRO E 51 16.63 -45.59 -29.05
CA PRO E 51 15.51 -44.80 -29.58
C PRO E 51 14.18 -45.27 -29.02
N GLY E 52 13.27 -44.31 -28.83
CA GLY E 52 11.96 -44.59 -28.26
C GLY E 52 11.93 -44.71 -26.76
N GLY E 53 13.06 -44.55 -26.09
CA GLY E 53 13.13 -44.68 -24.64
C GLY E 53 12.72 -43.41 -23.93
N SER E 54 12.92 -43.42 -22.61
CA SER E 54 12.57 -42.32 -21.75
C SER E 54 13.74 -41.97 -20.83
N ARG E 55 13.80 -40.70 -20.45
CA ARG E 55 14.84 -40.23 -19.54
C ARG E 55 14.35 -38.96 -18.86
N LYS E 56 15.02 -38.59 -17.77
CA LYS E 56 14.68 -37.42 -16.98
C LYS E 56 15.93 -36.57 -16.79
N LEU E 57 15.98 -35.43 -17.47
CA LEU E 57 17.06 -34.47 -17.26
C LEU E 57 16.82 -33.70 -15.98
N SER E 58 17.90 -33.42 -15.25
CA SER E 58 17.81 -32.70 -14.00
C SER E 58 18.92 -31.66 -13.92
N CYS E 59 18.62 -30.56 -13.24
CA CYS E 59 19.62 -29.53 -12.95
C CYS E 59 19.33 -28.95 -11.57
N SER E 60 20.34 -28.90 -10.73
CA SER E 60 20.21 -28.36 -9.37
C SER E 60 20.76 -26.94 -9.35
N ALA E 61 19.92 -26.00 -8.92
CA ALA E 61 20.31 -24.61 -8.81
C ALA E 61 20.84 -24.32 -7.41
N SER E 62 21.87 -23.49 -7.33
CA SER E 62 22.44 -23.10 -6.04
C SER E 62 23.11 -21.74 -6.18
N GLY E 63 23.19 -21.03 -5.07
CA GLY E 63 23.85 -19.74 -5.05
C GLY E 63 23.01 -18.57 -5.54
N PHE E 64 21.72 -18.78 -5.78
CA PHE E 64 20.85 -17.69 -6.20
C PHE E 64 19.42 -18.07 -5.87
N ALA E 65 18.53 -17.07 -5.97
CA ALA E 65 17.12 -17.26 -5.66
C ALA E 65 16.42 -18.03 -6.78
N PHE E 66 16.46 -19.36 -6.69
CA PHE E 66 15.97 -20.20 -7.79
C PHE E 66 14.48 -19.99 -8.04
N SER E 67 13.70 -19.86 -6.96
CA SER E 67 12.24 -19.82 -7.10
C SER E 67 11.73 -18.58 -7.81
N SER E 68 12.56 -17.55 -7.97
CA SER E 68 12.14 -16.31 -8.61
C SER E 68 12.63 -16.21 -10.05
N PHE E 69 13.24 -17.26 -10.59
CA PHE E 69 13.80 -17.25 -11.92
C PHE E 69 12.98 -18.14 -12.84
N GLY E 70 12.77 -17.69 -14.08
CA GLY E 70 12.15 -18.51 -15.08
C GLY E 70 13.19 -19.29 -15.86
N MET E 71 13.20 -20.61 -15.70
CA MET E 71 14.23 -21.45 -16.29
C MET E 71 13.88 -21.84 -17.72
N HIS E 72 14.92 -22.10 -18.51
CA HIS E 72 14.79 -22.58 -19.88
C HIS E 72 15.62 -23.84 -20.05
N TRP E 73 15.36 -24.54 -21.15
CA TRP E 73 16.20 -25.62 -21.63
C TRP E 73 16.59 -25.29 -23.06
N VAL E 74 17.88 -25.35 -23.37
CA VAL E 74 18.37 -25.05 -24.71
C VAL E 74 19.24 -26.20 -25.18
N ARG E 75 19.01 -26.64 -26.42
CA ARG E 75 19.67 -27.80 -27.00
C ARG E 75 20.77 -27.36 -27.96
N GLN E 76 21.82 -28.17 -28.05
CA GLN E 76 22.90 -27.92 -29.01
C GLN E 76 23.38 -29.25 -29.56
N ALA E 77 23.14 -29.48 -30.85
CA ALA E 77 23.60 -30.69 -31.51
C ALA E 77 25.13 -30.69 -31.58
N PRO E 78 25.74 -31.88 -31.71
CA PRO E 78 27.21 -31.96 -31.65
C PRO E 78 27.91 -31.12 -32.72
N GLU E 79 27.27 -30.85 -33.85
CA GLU E 79 27.87 -30.05 -34.90
C GLU E 79 27.11 -28.78 -35.23
N LYS E 80 25.85 -28.68 -34.83
CA LYS E 80 25.02 -27.53 -35.18
C LYS E 80 25.03 -26.50 -34.05
N GLY E 81 24.15 -25.51 -34.16
CA GLY E 81 24.07 -24.44 -33.19
C GLY E 81 23.14 -24.73 -32.04
N LEU E 82 22.58 -23.66 -31.48
CA LEU E 82 21.71 -23.77 -30.31
C LEU E 82 20.25 -23.82 -30.74
N GLU E 83 19.47 -24.67 -30.06
CA GLU E 83 18.04 -24.79 -30.30
C GLU E 83 17.30 -24.71 -28.98
N TRP E 84 16.27 -23.86 -28.93
CA TRP E 84 15.48 -23.69 -27.71
C TRP E 84 14.49 -24.83 -27.56
N VAL E 85 14.38 -25.36 -26.33
CA VAL E 85 13.60 -26.56 -26.05
C VAL E 85 12.30 -26.23 -25.32
N ALA E 86 12.42 -25.65 -24.12
CA ALA E 86 11.24 -25.42 -23.28
C ALA E 86 11.50 -24.23 -22.37
N TYR E 87 10.41 -23.66 -21.87
CA TYR E 87 10.48 -22.55 -20.93
C TYR E 87 9.42 -22.73 -19.86
N ILE E 88 9.80 -22.51 -18.61
CA ILE E 88 8.88 -22.52 -17.48
C ILE E 88 9.07 -21.22 -16.72
N SER E 89 7.96 -20.61 -16.30
CA SER E 89 8.01 -19.30 -15.66
C SER E 89 8.18 -19.45 -14.15
N SER E 90 8.32 -18.31 -13.48
CA SER E 90 8.41 -18.30 -12.02
C SER E 90 7.06 -18.65 -11.41
N GLY E 91 7.07 -19.58 -10.46
CA GLY E 91 5.84 -20.06 -9.88
C GLY E 91 5.10 -21.08 -10.72
N SER E 92 5.74 -21.63 -11.76
CA SER E 92 5.16 -22.66 -12.62
C SER E 92 3.87 -22.16 -13.27
N GLY E 93 3.95 -21.00 -13.91
CA GLY E 93 2.80 -20.43 -14.57
C GLY E 93 2.77 -20.81 -16.03
N THR E 94 3.13 -19.88 -16.90
CA THR E 94 3.17 -20.18 -18.33
C THR E 94 4.31 -21.14 -18.64
N ILE E 95 4.01 -22.17 -19.41
CA ILE E 95 4.99 -23.15 -19.86
C ILE E 95 4.93 -23.21 -21.38
N TYR E 96 6.09 -23.13 -22.02
CA TYR E 96 6.17 -23.13 -23.48
C TYR E 96 7.04 -24.29 -23.96
N TYR E 97 6.69 -24.80 -25.13
CA TYR E 97 7.50 -25.80 -25.83
C TYR E 97 7.61 -25.38 -27.29
N ALA E 98 8.71 -25.77 -27.91
CA ALA E 98 8.83 -25.58 -29.35
C ALA E 98 7.95 -26.60 -30.08
N ASP E 99 7.65 -26.29 -31.34
CA ASP E 99 6.78 -27.15 -32.12
C ASP E 99 7.37 -28.54 -32.31
N THR E 100 8.70 -28.66 -32.29
CA THR E 100 9.33 -29.94 -32.57
C THR E 100 9.48 -30.81 -31.32
N VAL E 101 9.14 -30.29 -30.14
CA VAL E 101 9.32 -31.02 -28.89
C VAL E 101 8.02 -31.25 -28.15
N LYS E 102 6.90 -30.78 -28.69
CA LYS E 102 5.64 -30.86 -27.96
C LYS E 102 5.18 -32.29 -27.80
N GLY E 103 4.51 -32.56 -26.68
CA GLY E 103 3.95 -33.88 -26.42
C GLY E 103 4.86 -34.79 -25.63
N ARG E 104 6.01 -35.16 -26.21
CA ARG E 104 6.91 -36.11 -25.59
C ARG E 104 7.90 -35.49 -24.63
N PHE E 105 7.95 -34.16 -24.56
CA PHE E 105 8.81 -33.42 -23.65
C PHE E 105 7.94 -32.70 -22.63
N THR E 106 8.31 -32.78 -21.36
CA THR E 106 7.63 -32.04 -20.32
C THR E 106 8.64 -31.43 -19.36
N ILE E 107 8.34 -30.22 -18.90
CA ILE E 107 9.25 -29.44 -18.06
C ILE E 107 8.59 -29.22 -16.70
N SER E 108 9.37 -29.38 -15.64
CA SER E 108 8.88 -29.22 -14.28
C SER E 108 10.02 -28.80 -13.38
N ARG E 109 9.65 -28.17 -12.25
CA ARG E 109 10.64 -27.66 -11.31
C ARG E 109 10.20 -28.00 -9.89
N ASP E 110 11.18 -28.10 -9.00
CA ASP E 110 10.96 -28.33 -7.57
C ASP E 110 11.59 -27.17 -6.82
N ASP E 111 10.78 -26.16 -6.50
CA ASP E 111 11.33 -24.96 -5.84
C ASP E 111 11.93 -25.25 -4.48
N PRO E 112 11.27 -25.97 -3.56
CA PRO E 112 11.95 -26.28 -2.29
C PRO E 112 13.19 -27.12 -2.45
N LYS E 113 13.22 -28.01 -3.45
CA LYS E 113 14.38 -28.86 -3.67
C LYS E 113 15.47 -28.19 -4.49
N ASN E 114 15.20 -27.01 -5.05
CA ASN E 114 16.16 -26.30 -5.90
C ASN E 114 16.65 -27.19 -7.04
N THR E 115 15.70 -27.71 -7.81
CA THR E 115 16.00 -28.63 -8.91
C THR E 115 15.03 -28.37 -10.05
N LEU E 116 15.53 -28.47 -11.27
CA LEU E 116 14.73 -28.34 -12.48
C LEU E 116 14.80 -29.64 -13.26
N PHE E 117 13.65 -30.16 -13.66
CA PHE E 117 13.56 -31.43 -14.34
C PHE E 117 13.11 -31.25 -15.78
N LEU E 118 13.48 -32.21 -16.63
CA LEU E 118 12.99 -32.28 -18.00
C LEU E 118 12.80 -33.76 -18.33
N GLN E 119 11.56 -34.23 -18.23
CA GLN E 119 11.24 -35.62 -18.56
C GLN E 119 11.04 -35.75 -20.06
N MET E 120 11.75 -36.70 -20.66
CA MET E 120 11.67 -36.95 -22.10
C MET E 120 11.30 -38.40 -22.34
N THR E 121 10.38 -38.62 -23.28
CA THR E 121 9.95 -39.96 -23.67
C THR E 121 9.92 -40.04 -25.19
N SER E 122 10.06 -41.27 -25.70
CA SER E 122 10.06 -41.54 -27.14
C SER E 122 11.12 -40.69 -27.85
N LEU E 123 12.37 -40.93 -27.48
CA LEU E 123 13.47 -40.13 -27.99
C LEU E 123 13.76 -40.48 -29.45
N ARG E 124 13.83 -39.46 -30.29
CA ARG E 124 14.13 -39.63 -31.70
C ARG E 124 15.63 -39.45 -31.94
N SER E 125 16.08 -39.86 -33.14
CA SER E 125 17.49 -39.77 -33.48
C SER E 125 17.99 -38.34 -33.57
N GLU E 126 17.10 -37.36 -33.75
CA GLU E 126 17.49 -35.96 -33.81
C GLU E 126 17.62 -35.33 -32.43
N ASP E 127 17.35 -36.08 -31.36
CA ASP E 127 17.38 -35.56 -30.01
C ASP E 127 18.73 -35.72 -29.33
N THR E 128 19.72 -36.30 -30.00
CA THR E 128 21.07 -36.35 -29.45
C THR E 128 21.69 -34.95 -29.53
N ALA E 129 22.13 -34.44 -28.38
CA ALA E 129 22.66 -33.08 -28.28
C ALA E 129 23.20 -32.89 -26.87
N MET E 130 23.64 -31.68 -26.57
CA MET E 130 23.99 -31.27 -25.22
C MET E 130 22.98 -30.25 -24.74
N TYR E 131 22.45 -30.46 -23.53
CA TYR E 131 21.36 -29.64 -23.00
C TYR E 131 21.92 -28.70 -21.93
N TYR E 132 21.57 -27.42 -22.06
CA TYR E 132 22.00 -26.40 -21.10
C TYR E 132 20.79 -25.92 -20.32
N CYS E 133 20.97 -25.80 -19.00
CA CYS E 133 19.96 -25.20 -18.14
C CYS E 133 20.25 -23.70 -18.02
N VAL E 134 19.28 -22.89 -18.45
CA VAL E 134 19.47 -21.44 -18.54
C VAL E 134 18.49 -20.77 -17.60
N ARG E 135 19.01 -19.93 -16.70
CA ARG E 135 18.17 -19.16 -15.80
C ARG E 135 17.82 -17.82 -16.44
N SER E 136 16.64 -17.32 -16.09
CA SER E 136 16.18 -16.07 -16.67
C SER E 136 15.15 -15.43 -15.75
N ILE E 137 15.21 -14.11 -15.63
CA ILE E 137 14.29 -13.35 -14.79
C ILE E 137 13.79 -12.16 -15.60
N TYR E 138 12.50 -11.86 -15.48
CA TYR E 138 11.84 -10.91 -16.37
C TYR E 138 11.17 -9.81 -15.55
N TYR E 139 11.75 -8.62 -15.59
CA TYR E 139 11.14 -7.40 -15.10
C TYR E 139 11.79 -6.25 -15.85
N TYR E 140 11.33 -5.03 -15.59
CA TYR E 140 11.86 -3.88 -16.32
C TYR E 140 13.34 -3.71 -16.04
N GLY E 141 14.12 -3.64 -17.13
CA GLY E 141 15.56 -3.46 -17.01
C GLY E 141 16.35 -4.68 -16.64
N SER E 142 15.73 -5.86 -16.63
CA SER E 142 16.43 -7.07 -16.24
C SER E 142 17.30 -7.59 -17.39
N SER E 143 18.08 -8.63 -17.09
CA SER E 143 18.98 -9.26 -18.04
C SER E 143 18.62 -10.75 -18.13
N PRO E 144 17.72 -11.12 -19.03
CA PRO E 144 17.39 -12.54 -19.20
C PRO E 144 18.55 -13.32 -19.80
N PHE E 145 18.53 -14.63 -19.56
CA PHE E 145 19.56 -15.54 -20.06
C PHE E 145 20.94 -15.17 -19.56
N ASP E 146 21.03 -14.61 -18.35
CA ASP E 146 22.30 -14.07 -17.88
C ASP E 146 23.27 -15.16 -17.46
N PHE E 147 22.78 -16.35 -17.15
CA PHE E 147 23.64 -17.45 -16.75
C PHE E 147 23.21 -18.73 -17.46
N TRP E 148 24.19 -19.58 -17.75
CA TRP E 148 23.96 -20.84 -18.43
C TRP E 148 24.61 -21.96 -17.62
N GLY E 149 23.98 -23.12 -17.65
CA GLY E 149 24.50 -24.26 -16.94
C GLY E 149 25.73 -24.84 -17.62
N GLN E 150 26.39 -25.76 -16.90
CA GLN E 150 27.57 -26.42 -17.47
C GLN E 150 27.18 -27.34 -18.61
N GLY E 151 26.03 -28.01 -18.50
CA GLY E 151 25.54 -28.85 -19.57
C GLY E 151 25.73 -30.32 -19.29
N THR E 152 24.89 -31.13 -19.94
CA THR E 152 24.98 -32.58 -19.87
C THR E 152 24.79 -33.15 -21.26
N THR E 153 25.35 -34.34 -21.48
CA THR E 153 25.35 -34.97 -22.79
C THR E 153 24.27 -36.04 -22.87
N LEU E 154 23.77 -36.27 -24.08
CA LEU E 154 22.74 -37.27 -24.34
C LEU E 154 22.90 -37.78 -25.76
N THR E 155 22.99 -39.10 -25.91
CA THR E 155 23.19 -39.73 -27.20
C THR E 155 22.10 -40.76 -27.44
N VAL E 156 21.47 -40.70 -28.62
CA VAL E 156 20.47 -41.67 -29.04
C VAL E 156 20.97 -42.37 -30.29
N SER E 157 20.84 -43.70 -30.30
CA SER E 157 21.37 -44.49 -31.40
C SER E 157 20.55 -44.28 -32.67
N SER E 158 21.14 -44.69 -33.79
CA SER E 158 20.48 -44.56 -35.08
C SER E 158 20.98 -45.61 -36.06
N SER E 173 4.62 -17.56 -38.64
CA SER E 173 5.03 -18.66 -37.77
C SER E 173 6.30 -18.31 -37.01
N ASP E 174 7.31 -19.17 -37.14
CA ASP E 174 8.58 -18.92 -36.48
C ASP E 174 9.28 -17.73 -37.11
N ILE E 175 10.23 -17.16 -36.36
CA ILE E 175 11.02 -16.04 -36.82
C ILE E 175 12.36 -16.58 -37.30
N VAL E 176 12.66 -16.36 -38.58
CA VAL E 176 13.91 -16.86 -39.16
C VAL E 176 15.03 -15.90 -38.79
N MET E 177 16.01 -16.41 -38.05
CA MET E 177 17.16 -15.62 -37.59
C MET E 177 18.43 -16.34 -38.00
N THR E 178 19.02 -15.90 -39.11
CA THR E 178 20.25 -16.47 -39.62
C THR E 178 21.23 -15.34 -39.92
N GLN E 179 22.52 -15.65 -39.77
CA GLN E 179 23.59 -14.72 -40.10
C GLN E 179 24.47 -15.34 -41.18
N ALA E 180 24.86 -14.52 -42.16
CA ALA E 180 25.48 -14.99 -43.38
C ALA E 180 27.00 -14.95 -43.32
N THR E 181 27.58 -15.16 -42.14
CA THR E 181 29.02 -15.23 -41.97
C THR E 181 29.37 -16.46 -41.14
N SER E 182 30.55 -17.01 -41.39
CA SER E 182 31.02 -18.18 -40.66
C SER E 182 32.52 -18.32 -40.85
N SER E 183 33.20 -18.77 -39.80
CA SER E 183 34.64 -19.05 -39.82
C SER E 183 35.44 -17.84 -40.29
N VAL E 184 35.09 -16.67 -39.76
CA VAL E 184 35.78 -15.43 -40.11
C VAL E 184 37.15 -15.41 -39.41
N PRO E 185 38.24 -15.28 -40.15
CA PRO E 185 39.55 -15.16 -39.51
C PRO E 185 39.91 -13.70 -39.22
N VAL E 186 40.52 -13.49 -38.05
CA VAL E 186 40.89 -12.14 -37.62
C VAL E 186 41.99 -12.27 -36.59
N THR E 187 42.86 -11.24 -36.51
CA THR E 187 43.99 -11.20 -35.60
C THR E 187 43.68 -10.32 -34.39
N PRO E 188 44.26 -10.63 -33.23
CA PRO E 188 44.02 -9.79 -32.04
C PRO E 188 44.49 -8.36 -32.26
N GLY E 189 43.76 -7.43 -31.65
CA GLY E 189 44.03 -6.02 -31.80
C GLY E 189 43.29 -5.32 -32.91
N GLU E 190 42.58 -6.07 -33.76
CA GLU E 190 41.81 -5.49 -34.85
C GLU E 190 40.39 -5.20 -34.37
N SER E 191 39.52 -4.79 -35.29
CA SER E 191 38.12 -4.55 -34.97
C SER E 191 37.25 -5.38 -35.90
N VAL E 192 36.26 -6.06 -35.34
CA VAL E 192 35.36 -6.91 -36.09
C VAL E 192 33.95 -6.36 -36.00
N SER E 193 33.11 -6.76 -36.96
CA SER E 193 31.70 -6.37 -36.96
C SER E 193 30.91 -7.50 -37.62
N ILE E 194 30.39 -8.39 -36.79
CA ILE E 194 29.50 -9.45 -37.27
C ILE E 194 28.07 -8.94 -37.19
N SER E 195 27.21 -9.47 -38.05
CA SER E 195 25.84 -8.99 -38.16
C SER E 195 24.89 -10.19 -38.17
N CYS E 196 23.63 -9.90 -37.85
CA CYS E 196 22.57 -10.90 -37.84
C CYS E 196 21.37 -10.36 -38.61
N ARG E 197 20.62 -11.27 -39.21
CA ARG E 197 19.44 -10.93 -40.00
C ARG E 197 18.20 -11.52 -39.34
N SER E 198 17.11 -10.76 -39.36
CA SER E 198 15.83 -11.21 -38.83
C SER E 198 14.79 -11.27 -39.94
N SER E 199 13.86 -12.22 -39.81
CA SER E 199 12.80 -12.35 -40.81
C SER E 199 11.91 -11.11 -40.85
N LYS E 200 11.56 -10.59 -39.67
CA LYS E 200 10.74 -9.39 -39.57
C LYS E 200 11.36 -8.46 -38.52
N SER E 201 10.69 -7.35 -38.25
CA SER E 201 11.22 -6.37 -37.31
C SER E 201 11.19 -6.93 -35.90
N LEU E 202 12.32 -6.83 -35.20
CA LEU E 202 12.42 -7.23 -33.81
C LEU E 202 12.11 -6.09 -32.86
N LEU E 203 11.81 -4.90 -33.37
CA LEU E 203 11.49 -3.76 -32.53
C LEU E 203 10.02 -3.83 -32.11
N HIS E 204 9.79 -4.00 -30.81
CA HIS E 204 8.43 -4.05 -30.29
C HIS E 204 7.84 -2.66 -30.18
N SER E 205 6.53 -2.60 -30.00
CA SER E 205 5.83 -1.32 -29.92
C SER E 205 6.20 -0.52 -28.69
N ASN E 206 6.73 -1.16 -27.64
CA ASN E 206 7.15 -0.43 -26.46
C ASN E 206 8.52 0.22 -26.62
N GLY E 207 9.22 -0.06 -27.71
CA GLY E 207 10.52 0.52 -27.96
C GLY E 207 11.71 -0.36 -27.68
N ASN E 208 11.50 -1.65 -27.43
CA ASN E 208 12.58 -2.57 -27.10
C ASN E 208 12.80 -3.55 -28.24
N THR E 209 14.06 -3.74 -28.63
CA THR E 209 14.43 -4.69 -29.67
C THR E 209 15.01 -5.93 -29.01
N TYR E 210 14.32 -7.06 -29.17
CA TYR E 210 14.64 -8.27 -28.42
C TYR E 210 15.60 -9.13 -29.23
N LEU E 211 16.88 -8.74 -29.18
CA LEU E 211 17.97 -9.50 -29.80
C LEU E 211 19.07 -9.70 -28.78
N TYR E 212 19.48 -10.95 -28.58
CA TYR E 212 20.54 -11.28 -27.65
C TYR E 212 21.76 -11.79 -28.39
N TRP E 213 22.93 -11.62 -27.77
CA TRP E 213 24.19 -12.09 -28.31
C TRP E 213 24.87 -13.00 -27.30
N PHE E 214 25.43 -14.10 -27.78
CA PHE E 214 26.09 -15.09 -26.93
C PHE E 214 27.44 -15.46 -27.51
N LEU E 215 28.42 -15.68 -26.64
CA LEU E 215 29.73 -16.16 -27.03
C LEU E 215 29.93 -17.54 -26.42
N GLN E 216 30.24 -18.53 -27.25
CA GLN E 216 30.52 -19.87 -26.78
C GLN E 216 32.01 -20.16 -27.05
N ARG E 217 32.83 -19.86 -26.06
CA ARG E 217 34.23 -20.25 -26.15
C ARG E 217 34.33 -21.77 -26.18
N PRO E 218 35.26 -22.34 -26.95
CA PRO E 218 35.32 -23.79 -27.07
C PRO E 218 35.57 -24.46 -25.73
N GLY E 219 34.90 -25.59 -25.51
CA GLY E 219 35.06 -26.37 -24.30
C GLY E 219 34.25 -25.89 -23.11
N GLN E 220 33.41 -24.87 -23.27
CA GLN E 220 32.63 -24.37 -22.14
C GLN E 220 31.30 -23.82 -22.65
N SER E 221 30.37 -23.68 -21.71
CA SER E 221 29.01 -23.28 -22.04
C SER E 221 28.96 -21.84 -22.54
N PRO E 222 27.97 -21.50 -23.36
CA PRO E 222 27.86 -20.12 -23.84
C PRO E 222 27.53 -19.16 -22.71
N GLN E 223 27.91 -17.91 -22.90
CA GLN E 223 27.65 -16.85 -21.93
C GLN E 223 27.03 -15.67 -22.64
N LEU E 224 26.25 -14.89 -21.90
CA LEU E 224 25.54 -13.76 -22.46
C LEU E 224 26.45 -12.55 -22.54
N LEU E 225 26.45 -11.89 -23.71
CA LEU E 225 27.19 -10.65 -23.90
C LEU E 225 26.28 -9.44 -23.95
N ILE E 226 25.25 -9.48 -24.79
CA ILE E 226 24.34 -8.37 -24.99
C ILE E 226 22.93 -8.90 -24.71
N TYR E 227 22.27 -8.35 -23.69
CA TYR E 227 21.00 -8.89 -23.23
C TYR E 227 19.80 -8.15 -23.82
N ARG E 228 20.02 -7.24 -24.75
CA ARG E 228 19.03 -6.62 -25.63
C ARG E 228 19.82 -5.69 -26.54
N MET E 229 19.22 -5.34 -27.67
CA MET E 229 19.93 -4.51 -28.65
C MET E 229 20.50 -3.26 -27.99
N SER E 230 21.83 -3.19 -27.95
CA SER E 230 22.56 -2.10 -27.30
C SER E 230 22.33 -2.10 -25.79
N ASN E 231 22.64 -3.23 -25.15
CA ASN E 231 22.60 -3.33 -23.68
C ASN E 231 23.67 -4.33 -23.26
N LEU E 232 24.77 -3.83 -22.72
CA LEU E 232 25.90 -4.66 -22.33
C LEU E 232 25.63 -5.31 -20.98
N ALA E 233 25.95 -6.60 -20.89
CA ALA E 233 25.67 -7.38 -19.69
C ALA E 233 26.71 -7.08 -18.61
N SER E 234 26.70 -7.87 -17.54
CA SER E 234 27.59 -7.66 -16.40
C SER E 234 28.78 -8.58 -16.49
N GLY E 235 29.98 -8.03 -16.31
CA GLY E 235 31.20 -8.80 -16.38
C GLY E 235 31.84 -8.89 -17.75
N VAL E 236 31.23 -8.32 -18.78
CA VAL E 236 31.81 -8.36 -20.12
C VAL E 236 32.44 -7.01 -20.42
N PRO E 237 33.58 -6.97 -21.10
CA PRO E 237 34.29 -5.71 -21.31
C PRO E 237 33.53 -4.76 -22.22
N ASP E 238 33.84 -3.47 -22.07
CA ASP E 238 33.18 -2.41 -22.81
C ASP E 238 33.53 -2.42 -24.30
N ARG E 239 34.50 -3.23 -24.73
CA ARG E 239 34.85 -3.28 -26.15
C ARG E 239 33.67 -3.80 -26.98
N PHE E 240 32.96 -4.80 -26.47
CA PHE E 240 31.75 -5.27 -27.14
C PHE E 240 30.69 -4.18 -27.16
N SER E 241 29.94 -4.11 -28.25
CA SER E 241 28.85 -3.15 -28.35
C SER E 241 27.88 -3.63 -29.41
N GLY E 242 26.68 -4.03 -28.98
CA GLY E 242 25.63 -4.35 -29.92
C GLY E 242 24.99 -3.09 -30.48
N SER E 243 24.46 -3.20 -31.68
CA SER E 243 23.81 -2.07 -32.35
C SER E 243 22.82 -2.64 -33.36
N GLY E 244 22.34 -1.78 -34.24
CA GLY E 244 21.37 -2.14 -35.26
C GLY E 244 20.11 -1.30 -35.16
N SER E 245 19.25 -1.50 -36.15
CA SER E 245 17.97 -0.81 -36.20
C SER E 245 17.05 -1.56 -37.15
N GLY E 246 15.75 -1.32 -37.00
CA GLY E 246 14.76 -1.89 -37.89
C GLY E 246 14.80 -3.40 -37.95
N THR E 247 15.28 -3.94 -39.06
CA THR E 247 15.35 -5.38 -39.28
C THR E 247 16.75 -5.95 -39.20
N ALA E 248 17.78 -5.15 -39.52
CA ALA E 248 19.15 -5.60 -39.53
C ALA E 248 19.87 -5.18 -38.26
N PHE E 249 20.73 -6.05 -37.74
CA PHE E 249 21.46 -5.78 -36.52
C PHE E 249 22.89 -6.27 -36.68
N THR E 250 23.76 -5.81 -35.79
CA THR E 250 25.18 -6.16 -35.86
C THR E 250 25.80 -6.03 -34.48
N LEU E 251 26.95 -6.69 -34.32
CA LEU E 251 27.74 -6.64 -33.10
C LEU E 251 29.18 -6.31 -33.46
N THR E 252 29.75 -5.31 -32.80
CA THR E 252 31.09 -4.83 -33.09
C THR E 252 31.99 -5.00 -31.88
N ILE E 253 33.22 -5.43 -32.11
CA ILE E 253 34.24 -5.55 -31.08
C ILE E 253 35.40 -4.62 -31.46
N SER E 254 35.73 -3.69 -30.55
CA SER E 254 36.70 -2.65 -30.89
C SER E 254 38.11 -3.20 -30.96
N ARG E 255 38.62 -3.74 -29.86
CA ARG E 255 39.97 -4.29 -29.78
C ARG E 255 39.86 -5.67 -29.14
N LEU E 256 39.65 -6.70 -29.97
CA LEU E 256 39.46 -8.03 -29.44
C LEU E 256 40.74 -8.57 -28.82
N GLU E 257 40.59 -9.37 -27.78
CA GLU E 257 41.71 -10.03 -27.13
C GLU E 257 41.92 -11.40 -27.76
N ALA E 258 42.77 -12.22 -27.16
CA ALA E 258 43.03 -13.56 -27.66
C ALA E 258 42.11 -14.61 -27.04
N GLU E 259 41.31 -14.25 -26.04
CA GLU E 259 40.44 -15.20 -25.36
C GLU E 259 38.98 -15.10 -25.76
N ASP E 260 38.56 -13.98 -26.36
CA ASP E 260 37.17 -13.84 -26.80
C ASP E 260 36.99 -14.29 -28.24
N VAL E 261 37.43 -15.53 -28.53
CA VAL E 261 37.29 -16.13 -29.84
C VAL E 261 36.40 -17.36 -29.70
N GLY E 262 35.41 -17.47 -30.58
CA GLY E 262 34.51 -18.61 -30.52
C GLY E 262 33.29 -18.36 -31.39
N VAL E 263 32.24 -19.11 -31.09
CA VAL E 263 31.02 -19.08 -31.88
C VAL E 263 30.08 -18.03 -31.29
N TYR E 264 29.62 -17.11 -32.15
CA TYR E 264 28.75 -16.02 -31.73
C TYR E 264 27.35 -16.27 -32.27
N TYR E 265 26.37 -16.24 -31.37
CA TYR E 265 24.98 -16.56 -31.71
C TYR E 265 24.10 -15.35 -31.47
N CYS E 266 23.17 -15.10 -32.40
CA CYS E 266 22.14 -14.10 -32.24
C CYS E 266 20.81 -14.79 -31.98
N MET E 267 20.10 -14.34 -30.97
CA MET E 267 18.84 -14.95 -30.55
C MET E 267 17.79 -13.87 -30.38
N GLN E 268 16.53 -14.24 -30.58
CA GLN E 268 15.40 -13.34 -30.42
C GLN E 268 14.54 -13.77 -29.23
N HIS E 269 13.96 -12.78 -28.57
CA HIS E 269 12.99 -13.02 -27.51
C HIS E 269 11.66 -12.33 -27.79
N LEU E 270 11.44 -11.90 -29.03
CA LEU E 270 10.22 -11.20 -29.39
C LEU E 270 8.99 -12.11 -29.24
N GLU E 271 9.10 -13.34 -29.73
CA GLU E 271 7.98 -14.27 -29.72
C GLU E 271 8.47 -15.66 -29.40
N TYR E 272 7.55 -16.48 -28.91
CA TYR E 272 7.91 -17.88 -28.74
C TYR E 272 7.52 -18.68 -29.97
N PRO E 273 8.31 -19.69 -30.35
CA PRO E 273 9.54 -20.19 -29.71
C PRO E 273 10.73 -19.26 -29.94
N LEU E 274 11.75 -19.36 -29.11
CA LEU E 274 12.94 -18.54 -29.25
C LEU E 274 13.88 -19.18 -30.27
N THR E 275 14.14 -18.47 -31.36
CA THR E 275 14.93 -19.00 -32.46
C THR E 275 16.32 -18.39 -32.43
N PHE E 276 17.34 -19.24 -32.31
CA PHE E 276 18.73 -18.82 -32.37
C PHE E 276 19.13 -18.63 -33.82
N GLY E 277 20.43 -18.54 -34.08
CA GLY E 277 20.95 -18.54 -35.42
C GLY E 277 22.14 -19.47 -35.53
N ALA E 278 22.56 -19.71 -36.76
CA ALA E 278 23.82 -20.39 -37.00
C ALA E 278 24.96 -19.51 -36.51
N GLY E 279 25.98 -20.13 -35.96
CA GLY E 279 27.07 -19.38 -35.36
C GLY E 279 27.94 -18.67 -36.38
N THR E 280 28.80 -17.80 -35.87
CA THR E 280 29.80 -17.08 -36.66
C THR E 280 31.15 -17.30 -35.98
N LYS E 281 31.83 -18.37 -36.35
CA LYS E 281 33.05 -18.76 -35.66
C LYS E 281 34.17 -17.75 -35.95
N LEU E 282 34.96 -17.48 -34.91
CA LEU E 282 36.14 -16.63 -35.00
C LEU E 282 37.35 -17.45 -34.60
N GLU E 283 38.44 -17.29 -35.34
CA GLU E 283 39.69 -17.99 -35.06
C GLU E 283 40.86 -17.06 -35.33
N LEU E 284 42.06 -17.55 -35.04
CA LEU E 284 43.28 -16.78 -35.27
C LEU E 284 43.51 -16.56 -36.78
#